data_3P4G
#
_entry.id   3P4G
#
_cell.length_a   57.500
_cell.length_b   70.780
_cell.length_c   84.250
_cell.angle_alpha   99.06
_cell.angle_beta   92.30
_cell.angle_gamma   97.47
#
_symmetry.space_group_name_H-M   'P 1'
#
loop_
_entity.id
_entity.type
_entity.pdbx_description
1 polymer 'Antifreeze protein'
2 non-polymer 'CALCIUM ION'
3 non-polymer 'MAGNESIUM ION'
4 non-polymer 'ACETATE ION'
5 water water
#
_entity_poly.entity_id   1
_entity_poly.type   'polypeptide(L)'
_entity_poly.pdbx_seq_one_letter_code
;MNVSQSNSFGFWDGTSTQAEITHSFDHYIGSAFDASNNNVAVTGNVSATLNVLAGDDKVSIDGNVEDVLVAANVAVLDMG
TGNDQLYVAGDVLGKIDAGTGNDEIYIKGDVSAAVDAGTGNDEVYIGGNLSGDLDAGTDNDNIQIGGDVNAALNAGTGND
NLIIGHDVSGIVNMGTDNDTVEVGRTINASGKVLLDTGDDSLLVSGDLFGEVDGGTGNDTIIIAGKVSGNIQGGTGNDIV
RVQSQVWAEANISLGTGDDVLIVEHELHGTVAGNEGDDSIYLKFYTKEQYNNNSDLRNRVANFEHIRVSDGVVKGSPADF
ADY
;
_entity_poly.pdbx_strand_id   A,B,C,D
#
loop_
_chem_comp.id
_chem_comp.type
_chem_comp.name
_chem_comp.formula
ACT non-polymer 'ACETATE ION' 'C2 H3 O2 -1'
CA non-polymer 'CALCIUM ION' 'Ca 2'
MG non-polymer 'MAGNESIUM ION' 'Mg 2'
#
# COMPACT_ATOMS: atom_id res chain seq x y z
N HIS A 23 -15.38 -22.04 -3.95
CA HIS A 23 -14.40 -23.06 -4.23
C HIS A 23 -14.07 -23.74 -2.89
N SER A 24 -14.31 -25.04 -2.79
CA SER A 24 -14.00 -25.77 -1.57
C SER A 24 -12.84 -26.73 -1.79
N PHE A 25 -11.91 -26.75 -0.82
CA PHE A 25 -10.75 -27.65 -0.82
C PHE A 25 -10.56 -28.24 0.56
N ASP A 26 -9.97 -29.45 0.60
CA ASP A 26 -9.46 -29.96 1.89
C ASP A 26 -7.98 -29.55 1.88
N HIS A 27 -7.12 -30.37 1.30
CA HIS A 27 -5.73 -30.00 1.16
C HIS A 27 -5.61 -29.16 -0.12
N TYR A 28 -5.30 -27.87 0.02
CA TYR A 28 -5.13 -26.99 -1.14
C TYR A 28 -3.77 -27.15 -1.79
N ILE A 29 -3.78 -27.60 -3.04
CA ILE A 29 -2.54 -27.83 -3.75
C ILE A 29 -2.50 -27.06 -5.08
N GLY A 30 -3.32 -26.03 -5.21
CA GLY A 30 -3.21 -25.17 -6.36
C GLY A 30 -4.52 -25.14 -7.12
N SER A 31 -4.93 -23.93 -7.51
CA SER A 31 -6.14 -23.73 -8.28
C SER A 31 -6.09 -22.32 -8.84
N ALA A 32 -6.85 -22.06 -9.91
CA ALA A 32 -6.86 -20.76 -10.54
C ALA A 32 -8.17 -20.05 -10.15
N PHE A 33 -8.09 -18.76 -9.81
CA PHE A 33 -9.28 -17.96 -9.53
C PHE A 33 -9.45 -16.90 -10.59
N ASP A 34 -10.29 -15.90 -10.31
CA ASP A 34 -10.53 -14.87 -11.34
C ASP A 34 -11.04 -13.61 -10.75
N ALA A 35 -11.60 -12.75 -11.63
CA ALA A 35 -11.97 -11.38 -11.27
C ALA A 35 -13.30 -11.35 -10.50
N SER A 36 -13.98 -12.48 -10.37
CA SER A 36 -15.21 -12.48 -9.60
CA SER A 36 -15.20 -12.54 -9.58
C SER A 36 -14.87 -12.30 -8.12
N ASN A 37 -15.89 -11.97 -7.34
CA ASN A 37 -15.75 -11.97 -5.88
C ASN A 37 -15.76 -13.43 -5.41
N ASN A 38 -14.56 -14.01 -5.31
CA ASN A 38 -14.41 -15.40 -4.88
C ASN A 38 -14.73 -15.70 -3.41
N ASN A 39 -15.11 -16.95 -3.16
CA ASN A 39 -15.25 -17.46 -1.79
C ASN A 39 -14.50 -18.78 -1.77
N VAL A 40 -13.36 -18.80 -1.08
CA VAL A 40 -12.49 -19.97 -1.05
C VAL A 40 -12.51 -20.53 0.36
N ALA A 41 -12.88 -21.82 0.48
CA ALA A 41 -12.90 -22.48 1.77
C ALA A 41 -11.93 -23.63 1.72
N VAL A 42 -10.90 -23.58 2.56
CA VAL A 42 -9.89 -24.65 2.67
C VAL A 42 -9.95 -25.27 4.07
N THR A 43 -10.36 -26.54 4.19
CA THR A 43 -10.47 -27.17 5.52
C THR A 43 -9.11 -27.66 6.01
N GLY A 44 -8.13 -27.83 5.11
CA GLY A 44 -6.78 -28.25 5.50
C GLY A 44 -5.72 -27.19 5.26
N ASN A 45 -4.54 -27.61 4.81
CA ASN A 45 -3.44 -26.67 4.62
C ASN A 45 -3.41 -26.07 3.18
N VAL A 46 -2.78 -24.90 3.07
CA VAL A 46 -2.43 -24.32 1.79
C VAL A 46 -0.96 -24.68 1.43
N SER A 47 -0.78 -25.50 0.39
CA SER A 47 0.55 -25.96 0.01
C SER A 47 0.90 -25.57 -1.38
N ALA A 48 0.16 -24.61 -1.97
CA ALA A 48 0.59 -23.98 -3.23
C ALA A 48 0.19 -22.53 -3.19
N THR A 49 0.64 -21.77 -4.18
CA THR A 49 0.25 -20.37 -4.22
C THR A 49 -1.28 -20.28 -4.42
N LEU A 50 -1.86 -19.27 -3.78
CA LEU A 50 -3.29 -19.04 -3.80
C LEU A 50 -3.45 -17.55 -4.09
N ASN A 51 -4.04 -17.24 -5.21
CA ASN A 51 -4.21 -15.86 -5.65
C ASN A 51 -5.65 -15.61 -6.12
N VAL A 52 -6.40 -14.88 -5.31
CA VAL A 52 -7.80 -14.68 -5.66
C VAL A 52 -8.03 -13.46 -6.54
N LEU A 53 -6.95 -12.74 -6.90
CA LEU A 53 -6.96 -11.76 -8.01
C LEU A 53 -7.98 -10.64 -7.76
N ALA A 54 -8.50 -10.09 -8.83
CA ALA A 54 -9.46 -8.97 -8.67
C ALA A 54 -10.77 -9.40 -8.00
N GLY A 55 -11.53 -8.40 -7.59
CA GLY A 55 -12.78 -8.70 -6.89
C GLY A 55 -12.58 -8.62 -5.40
N ASP A 56 -13.68 -8.52 -4.69
CA ASP A 56 -13.63 -8.48 -3.22
C ASP A 56 -13.83 -9.95 -2.76
N ASP A 57 -12.71 -10.59 -2.44
CA ASP A 57 -12.66 -12.04 -2.26
C ASP A 57 -12.63 -12.38 -0.77
N LYS A 58 -13.17 -13.53 -0.43
CA LYS A 58 -13.11 -14.04 0.92
C LYS A 58 -12.39 -15.38 0.82
N VAL A 59 -11.39 -15.55 1.67
CA VAL A 59 -10.62 -16.80 1.78
C VAL A 59 -10.57 -17.24 3.25
N SER A 60 -10.86 -18.53 3.50
CA SER A 60 -10.92 -19.05 4.86
CA SER A 60 -10.94 -19.05 4.85
C SER A 60 -10.20 -20.38 4.85
N ILE A 61 -9.21 -20.49 5.70
CA ILE A 61 -8.28 -21.64 5.75
C ILE A 61 -8.26 -22.13 7.19
N ASP A 62 -8.62 -23.40 7.42
CA ASP A 62 -8.64 -23.90 8.79
C ASP A 62 -7.25 -24.38 9.22
N GLY A 63 -6.40 -24.68 8.25
CA GLY A 63 -5.02 -25.12 8.51
C GLY A 63 -4.01 -24.00 8.43
N ASN A 64 -2.83 -24.32 7.89
CA ASN A 64 -1.70 -23.38 7.83
C ASN A 64 -1.50 -22.87 6.42
N VAL A 65 -1.01 -21.65 6.29
CA VAL A 65 -0.43 -21.22 5.02
C VAL A 65 1.04 -21.65 5.08
N GLU A 66 1.37 -22.61 4.24
CA GLU A 66 2.69 -23.24 4.33
C GLU A 66 3.81 -22.41 3.65
N ASP A 67 5.05 -22.73 4.00
CA ASP A 67 6.26 -22.16 3.39
C ASP A 67 6.46 -22.72 1.97
N VAL A 68 5.56 -22.33 1.06
CA VAL A 68 5.63 -22.74 -0.35
C VAL A 68 6.84 -22.09 -1.04
N LEU A 69 7.63 -22.88 -1.76
CA LEU A 69 8.79 -22.34 -2.44
C LEU A 69 8.36 -21.33 -3.49
N VAL A 70 8.72 -20.05 -3.28
CA VAL A 70 8.54 -18.96 -4.25
C VAL A 70 9.80 -18.10 -4.30
N ALA A 71 9.97 -17.30 -5.36
CA ALA A 71 11.12 -16.40 -5.44
C ALA A 71 11.11 -15.41 -4.26
N ALA A 72 12.23 -14.75 -4.03
CA ALA A 72 12.34 -13.80 -2.95
C ALA A 72 11.22 -12.76 -3.02
N ASN A 73 10.55 -12.49 -1.89
CA ASN A 73 9.52 -11.46 -1.73
C ASN A 73 8.22 -11.70 -2.47
N VAL A 74 8.08 -12.90 -3.04
CA VAL A 74 6.83 -13.30 -3.70
C VAL A 74 5.79 -13.78 -2.68
N ALA A 75 4.51 -13.43 -2.87
CA ALA A 75 3.49 -13.85 -1.91
C ALA A 75 3.10 -15.29 -2.20
N VAL A 76 2.91 -16.09 -1.16
CA VAL A 76 2.26 -17.39 -1.30
C VAL A 76 0.75 -17.21 -1.44
N LEU A 77 0.20 -16.33 -0.62
CA LEU A 77 -1.24 -16.08 -0.63
C LEU A 77 -1.42 -14.60 -1.00
N ASP A 78 -2.10 -14.34 -2.12
CA ASP A 78 -2.31 -12.98 -2.62
C ASP A 78 -3.82 -12.72 -2.75
N MET A 79 -4.30 -11.74 -2.00
CA MET A 79 -5.76 -11.43 -1.96
C MET A 79 -6.09 -10.53 -3.16
N GLY A 80 -5.04 -9.95 -3.73
CA GLY A 80 -5.11 -9.12 -4.96
C GLY A 80 -5.75 -7.77 -4.74
N THR A 81 -6.03 -7.11 -5.85
CA THR A 81 -6.81 -5.87 -5.82
C THR A 81 -8.16 -6.18 -5.20
N GLY A 82 -8.81 -5.16 -4.67
CA GLY A 82 -10.11 -5.41 -4.06
C GLY A 82 -10.09 -5.28 -2.56
N ASN A 83 -11.28 -5.17 -1.97
CA ASN A 83 -11.45 -5.15 -0.51
C ASN A 83 -11.66 -6.61 -0.05
N ASP A 84 -10.59 -7.28 0.34
CA ASP A 84 -10.57 -8.76 0.55
C ASP A 84 -10.61 -9.13 2.01
N GLN A 85 -11.09 -10.35 2.30
CA GLN A 85 -11.25 -10.76 3.71
C GLN A 85 -10.65 -12.14 3.86
N LEU A 86 -9.67 -12.25 4.74
CA LEU A 86 -8.92 -13.49 4.95
C LEU A 86 -9.03 -13.99 6.35
N TYR A 87 -9.31 -15.30 6.49
CA TYR A 87 -9.29 -15.92 7.80
C TYR A 87 -8.33 -17.10 7.70
N VAL A 88 -7.38 -17.19 8.60
CA VAL A 88 -6.50 -18.38 8.76
C VAL A 88 -6.57 -18.87 10.23
N ALA A 89 -7.00 -20.12 10.48
CA ALA A 89 -7.08 -20.63 11.86
C ALA A 89 -5.73 -21.11 12.41
N GLY A 90 -4.83 -21.51 11.49
CA GLY A 90 -3.51 -22.02 11.85
C GLY A 90 -2.45 -20.95 11.81
N ASP A 91 -1.25 -21.37 11.40
CA ASP A 91 -0.08 -20.50 11.37
C ASP A 91 0.15 -20.06 9.92
N VAL A 92 0.92 -18.99 9.79
CA VAL A 92 1.28 -18.46 8.48
C VAL A 92 2.78 -18.56 8.37
N LEU A 93 3.22 -19.41 7.44
CA LEU A 93 4.65 -19.67 7.20
C LEU A 93 5.10 -19.29 5.77
N GLY A 94 4.14 -18.80 4.98
CA GLY A 94 4.40 -18.29 3.63
C GLY A 94 3.79 -16.89 3.51
N LYS A 95 4.41 -16.04 2.70
CA LYS A 95 4.06 -14.62 2.67
C LYS A 95 2.61 -14.35 2.26
N ILE A 96 1.97 -13.42 2.96
CA ILE A 96 0.62 -12.94 2.60
C ILE A 96 0.74 -11.53 2.04
N ASP A 97 0.07 -11.30 0.91
CA ASP A 97 -0.06 -9.92 0.42
C ASP A 97 -1.58 -9.69 0.26
N ALA A 98 -2.09 -8.72 0.99
CA ALA A 98 -3.51 -8.36 0.87
C ALA A 98 -3.76 -7.42 -0.33
N GLY A 99 -2.71 -6.89 -0.92
CA GLY A 99 -2.81 -5.99 -2.06
C GLY A 99 -3.45 -4.65 -1.81
N THR A 100 -3.72 -3.97 -2.90
CA THR A 100 -4.52 -2.75 -2.82
C THR A 100 -5.93 -3.06 -2.27
N GLY A 101 -6.63 -2.02 -1.84
CA GLY A 101 -7.97 -2.19 -1.28
C GLY A 101 -7.94 -2.16 0.25
N ASN A 102 -9.11 -2.03 0.84
CA ASN A 102 -9.30 -1.98 2.30
C ASN A 102 -9.55 -3.42 2.77
N ASP A 103 -8.46 -4.06 3.15
CA ASP A 103 -8.45 -5.53 3.40
C ASP A 103 -8.54 -5.87 4.91
N GLU A 104 -9.12 -7.04 5.18
CA GLU A 104 -9.38 -7.48 6.55
C GLU A 104 -8.72 -8.85 6.68
N ILE A 105 -7.74 -8.95 7.56
CA ILE A 105 -6.96 -10.24 7.76
C ILE A 105 -7.13 -10.68 9.23
N TYR A 106 -7.45 -11.97 9.43
CA TYR A 106 -7.53 -12.51 10.73
C TYR A 106 -6.81 -13.84 10.73
N ILE A 107 -5.68 -13.89 11.41
CA ILE A 107 -4.88 -15.11 11.56
C ILE A 107 -4.86 -15.47 13.06
N LYS A 108 -5.35 -16.65 13.40
CA LYS A 108 -5.46 -17.03 14.81
C LYS A 108 -4.07 -17.40 15.38
N GLY A 109 -3.24 -18.00 14.56
CA GLY A 109 -1.94 -18.59 15.02
C GLY A 109 -0.74 -17.64 14.92
N ASP A 110 0.45 -18.23 14.75
CA ASP A 110 1.70 -17.45 14.74
C ASP A 110 2.04 -17.15 13.30
N VAL A 111 2.73 -16.05 13.08
CA VAL A 111 3.09 -15.65 11.74
C VAL A 111 4.60 -15.58 11.71
N SER A 112 5.21 -16.35 10.81
CA SER A 112 6.67 -16.41 10.68
C SER A 112 7.13 -16.00 9.27
N ALA A 113 6.20 -15.52 8.45
CA ALA A 113 6.53 -15.06 7.10
C ALA A 113 6.12 -13.61 6.98
N ALA A 114 6.54 -12.95 5.90
CA ALA A 114 6.15 -11.57 5.73
C ALA A 114 4.65 -11.38 5.51
N VAL A 115 4.10 -10.26 5.98
CA VAL A 115 2.69 -9.94 5.72
C VAL A 115 2.66 -8.50 5.21
N ASP A 116 2.01 -8.26 4.06
CA ASP A 116 1.94 -6.93 3.50
C ASP A 116 0.47 -6.62 3.28
N ALA A 117 -0.07 -5.69 4.08
CA ALA A 117 -1.50 -5.37 3.94
C ALA A 117 -1.73 -4.43 2.77
N GLY A 118 -0.66 -3.80 2.29
CA GLY A 118 -0.65 -2.94 1.10
C GLY A 118 -1.32 -1.59 1.30
N THR A 119 -1.55 -0.91 0.19
CA THR A 119 -2.32 0.33 0.19
C THR A 119 -3.75 -0.01 0.70
N GLY A 120 -4.49 1.04 1.05
CA GLY A 120 -5.83 0.86 1.61
C GLY A 120 -5.79 0.87 3.14
N ASN A 121 -6.97 0.99 3.71
CA ASN A 121 -7.18 1.08 5.17
C ASN A 121 -7.44 -0.36 5.64
N ASP A 122 -6.37 -1.00 6.06
CA ASP A 122 -6.42 -2.46 6.32
C ASP A 122 -6.58 -2.76 7.79
N GLU A 123 -7.14 -3.94 8.08
CA GLU A 123 -7.37 -4.39 9.46
C GLU A 123 -6.68 -5.74 9.57
N VAL A 124 -5.63 -5.83 10.42
CA VAL A 124 -4.85 -7.09 10.53
C VAL A 124 -4.91 -7.55 11.99
N TYR A 125 -5.32 -8.80 12.21
CA TYR A 125 -5.33 -9.40 13.52
C TYR A 125 -4.48 -10.69 13.39
N ILE A 126 -3.50 -10.80 14.29
CA ILE A 126 -2.65 -11.99 14.40
C ILE A 126 -2.77 -12.40 15.90
N GLY A 127 -3.29 -13.60 16.12
CA GLY A 127 -3.59 -14.05 17.51
C GLY A 127 -2.31 -14.47 18.27
N GLY A 128 -1.36 -14.97 17.51
CA GLY A 128 -0.10 -15.48 18.08
C GLY A 128 1.04 -14.45 18.03
N ASN A 129 2.26 -14.97 17.88
CA ASN A 129 3.44 -14.11 17.74
C ASN A 129 3.76 -13.69 16.33
N LEU A 130 4.33 -12.51 16.20
CA LEU A 130 4.73 -12.06 14.86
C LEU A 130 6.23 -12.18 14.79
N SER A 131 6.72 -13.08 13.94
CA SER A 131 8.18 -13.26 13.75
CA SER A 131 8.18 -13.26 13.76
C SER A 131 8.62 -13.09 12.30
N GLY A 132 7.69 -12.73 11.41
CA GLY A 132 8.05 -12.29 10.04
C GLY A 132 7.81 -10.80 10.00
N ASP A 133 8.33 -10.11 8.99
CA ASP A 133 8.20 -8.67 8.92
C ASP A 133 6.84 -8.29 8.41
N LEU A 134 6.16 -7.44 9.15
CA LEU A 134 4.87 -6.93 8.72
C LEU A 134 4.94 -5.51 8.21
N ASP A 135 4.25 -5.27 7.07
CA ASP A 135 4.12 -3.90 6.59
C ASP A 135 2.66 -3.59 6.36
N ALA A 136 2.10 -2.63 7.12
CA ALA A 136 0.66 -2.32 6.96
C ALA A 136 0.45 -1.40 5.77
N GLY A 137 1.55 -0.83 5.25
CA GLY A 137 1.49 0.00 4.04
C GLY A 137 0.83 1.36 4.21
N THR A 138 0.52 1.97 3.08
CA THR A 138 -0.14 3.29 3.07
C THR A 138 -1.54 3.21 3.70
N ASP A 139 -2.14 4.40 3.90
CA ASP A 139 -3.49 4.55 4.51
CA ASP A 139 -3.46 4.57 4.52
C ASP A 139 -3.54 4.11 6.00
N ASN A 140 -4.73 4.09 6.55
CA ASN A 140 -4.90 4.11 8.01
C ASN A 140 -5.26 2.73 8.51
N ASP A 141 -4.24 2.05 9.02
CA ASP A 141 -4.34 0.62 9.32
C ASP A 141 -4.50 0.31 10.80
N ASN A 142 -5.24 -0.75 11.05
CA ASN A 142 -5.38 -1.30 12.40
C ASN A 142 -4.61 -2.61 12.45
N ILE A 143 -3.63 -2.69 13.37
CA ILE A 143 -2.83 -3.93 13.57
C ILE A 143 -2.98 -4.42 15.03
N GLN A 144 -3.37 -5.68 15.19
CA GLN A 144 -3.45 -6.24 16.51
C GLN A 144 -2.64 -7.54 16.50
N ILE A 145 -1.72 -7.63 17.45
CA ILE A 145 -0.82 -8.81 17.61
C ILE A 145 -1.05 -9.31 19.02
N GLY A 146 -1.55 -10.54 19.17
CA GLY A 146 -1.90 -11.06 20.48
C GLY A 146 -0.66 -11.36 21.31
N GLY A 147 0.40 -11.79 20.63
CA GLY A 147 1.67 -12.14 21.31
C GLY A 147 2.73 -11.06 21.19
N ASP A 148 3.92 -11.47 20.78
CA ASP A 148 5.08 -10.59 20.71
C ASP A 148 5.28 -10.11 19.29
N VAL A 149 5.92 -8.94 19.18
CA VAL A 149 6.44 -8.46 17.91
C VAL A 149 7.95 -8.76 17.92
N ASN A 150 8.37 -9.76 17.15
CA ASN A 150 9.80 -10.22 17.19
C ASN A 150 10.63 -9.73 16.01
N ALA A 151 9.95 -9.23 15.01
CA ALA A 151 10.59 -8.83 13.79
C ALA A 151 10.29 -7.34 13.46
N ALA A 152 10.45 -6.91 12.20
CA ALA A 152 10.08 -5.54 11.84
C ALA A 152 8.57 -5.37 11.76
N LEU A 153 8.07 -4.24 12.20
CA LEU A 153 6.65 -3.96 12.00
C LEU A 153 6.59 -2.49 11.54
N ASN A 154 6.20 -2.30 10.29
CA ASN A 154 6.12 -0.99 9.69
CA ASN A 154 6.12 -0.96 9.71
C ASN A 154 4.66 -0.64 9.43
N ALA A 155 4.12 0.34 10.17
CA ALA A 155 2.71 0.70 10.03
C ALA A 155 2.44 1.63 8.82
N GLY A 156 3.52 2.26 8.34
CA GLY A 156 3.56 3.11 7.12
C GLY A 156 2.98 4.50 7.30
N THR A 157 2.75 5.14 6.17
CA THR A 157 1.97 6.33 6.19
C THR A 157 0.57 5.98 6.68
N GLY A 158 -0.14 7.04 7.05
CA GLY A 158 -1.49 6.89 7.63
C GLY A 158 -1.53 6.96 9.16
N ASN A 159 -2.70 7.29 9.66
CA ASN A 159 -2.99 7.27 11.10
C ASN A 159 -3.26 5.82 11.55
N ASP A 160 -2.20 5.12 11.98
CA ASP A 160 -2.27 3.67 12.26
C ASP A 160 -2.45 3.41 13.74
N ASN A 161 -3.08 2.28 14.02
CA ASN A 161 -3.31 1.86 15.39
C ASN A 161 -2.71 0.47 15.55
N LEU A 162 -1.77 0.35 16.50
CA LEU A 162 -1.07 -0.92 16.77
C LEU A 162 -1.34 -1.31 18.23
N ILE A 163 -1.91 -2.50 18.44
CA ILE A 163 -2.13 -3.00 19.80
C ILE A 163 -1.42 -4.37 19.88
N ILE A 164 -0.43 -4.46 20.78
CA ILE A 164 0.40 -5.70 21.02
C ILE A 164 0.07 -6.24 22.37
N GLY A 165 -0.26 -7.52 22.45
CA GLY A 165 -0.57 -8.10 23.76
C GLY A 165 0.62 -8.27 24.68
N HIS A 166 1.71 -8.76 24.12
CA HIS A 166 2.90 -9.06 24.92
C HIS A 166 4.08 -8.10 24.68
N ASP A 167 5.25 -8.61 24.23
CA ASP A 167 6.49 -7.79 24.23
C ASP A 167 6.83 -7.28 22.84
N VAL A 168 7.66 -6.26 22.81
CA VAL A 168 8.31 -5.87 21.54
C VAL A 168 9.80 -6.24 21.67
N SER A 169 10.26 -7.11 20.77
CA SER A 169 11.68 -7.45 20.70
C SER A 169 12.24 -7.00 19.37
N GLY A 170 11.39 -6.80 18.37
CA GLY A 170 11.82 -6.25 17.09
C GLY A 170 11.72 -4.74 17.01
N ILE A 171 11.70 -4.20 15.79
CA ILE A 171 11.66 -2.76 15.58
CA ILE A 171 11.65 -2.75 15.58
C ILE A 171 10.30 -2.35 15.00
N VAL A 172 9.53 -1.59 15.78
CA VAL A 172 8.23 -1.05 15.35
C VAL A 172 8.44 0.40 14.86
N ASN A 173 8.00 0.66 13.63
CA ASN A 173 8.07 1.99 13.07
C ASN A 173 6.69 2.38 12.59
N MET A 174 6.14 3.36 13.23
CA MET A 174 4.76 3.73 12.92
C MET A 174 4.65 4.67 11.77
N GLY A 175 5.77 5.24 11.34
CA GLY A 175 5.79 6.01 10.10
C GLY A 175 5.06 7.36 10.24
N THR A 176 4.80 7.99 9.12
CA THR A 176 4.20 9.32 9.13
C THR A 176 2.77 9.27 9.71
N ASP A 177 2.22 10.46 9.92
CA ASP A 177 0.83 10.66 10.47
C ASP A 177 0.70 10.26 11.94
N ASN A 178 -0.54 10.28 12.44
CA ASN A 178 -0.80 10.32 13.89
C ASN A 178 -1.18 8.92 14.35
N ASP A 179 -0.18 8.26 14.89
CA ASP A 179 -0.29 6.85 15.22
C ASP A 179 -0.43 6.58 16.73
N THR A 180 -1.05 5.44 17.04
CA THR A 180 -1.25 4.96 18.45
C THR A 180 -0.60 3.60 18.54
N VAL A 181 0.18 3.43 19.59
CA VAL A 181 0.72 2.09 19.94
C VAL A 181 0.37 1.82 21.39
N GLU A 182 -0.08 0.60 21.64
CA GLU A 182 -0.17 0.09 23.02
C GLU A 182 0.56 -1.26 23.10
N VAL A 183 1.50 -1.34 24.01
CA VAL A 183 2.28 -2.58 24.25
C VAL A 183 1.84 -3.13 25.57
N GLY A 184 1.31 -4.37 25.59
CA GLY A 184 0.72 -4.91 26.82
C GLY A 184 1.76 -5.30 27.83
N ARG A 185 2.96 -5.68 27.35
CA ARG A 185 4.04 -6.00 28.24
C ARG A 185 5.26 -5.12 28.01
N THR A 186 6.41 -5.70 27.64
CA THR A 186 7.68 -4.99 27.76
C THR A 186 8.34 -4.75 26.43
N ILE A 187 8.96 -3.58 26.29
CA ILE A 187 9.82 -3.33 25.15
C ILE A 187 11.17 -3.83 25.62
N ASN A 188 11.55 -4.97 25.09
CA ASN A 188 12.81 -5.66 25.45
C ASN A 188 14.06 -4.87 25.03
N ALA A 189 15.22 -5.28 25.53
CA ALA A 189 16.44 -4.54 25.26
C ALA A 189 16.67 -4.38 23.76
N SER A 190 16.27 -5.39 22.96
CA SER A 190 16.53 -5.35 21.51
C SER A 190 15.42 -4.59 20.76
N GLY A 191 14.32 -4.30 21.47
CA GLY A 191 13.08 -3.78 20.84
C GLY A 191 13.10 -2.27 20.75
N LYS A 192 12.39 -1.73 19.76
CA LYS A 192 12.24 -0.28 19.61
C LYS A 192 10.84 0.04 19.18
N VAL A 193 10.36 1.20 19.60
CA VAL A 193 9.07 1.73 19.07
C VAL A 193 9.38 3.14 18.66
N LEU A 194 9.33 3.37 17.34
CA LEU A 194 9.61 4.66 16.72
C LEU A 194 8.30 5.17 16.17
N LEU A 195 7.79 6.26 16.76
CA LEU A 195 6.45 6.79 16.40
C LEU A 195 6.56 7.70 15.15
N ASP A 196 7.78 8.19 14.94
CA ASP A 196 8.15 8.98 13.74
C ASP A 196 7.37 10.33 13.63
N THR A 197 7.24 10.87 12.43
CA THR A 197 6.51 12.15 12.29
C THR A 197 5.02 12.00 12.68
N GLY A 198 4.36 13.12 12.94
CA GLY A 198 2.98 13.08 13.43
C GLY A 198 2.90 13.23 14.94
N ASP A 199 1.59 13.36 15.31
CA ASP A 199 1.29 13.59 16.75
C ASP A 199 0.90 12.24 17.30
N ASP A 200 1.88 11.48 17.88
CA ASP A 200 1.69 10.06 18.20
C ASP A 200 1.47 9.78 19.68
N SER A 201 0.83 8.62 19.97
CA SER A 201 0.58 8.19 21.33
C SER A 201 1.15 6.79 21.54
N LEU A 202 1.93 6.61 22.62
CA LEU A 202 2.42 5.29 23.05
C LEU A 202 2.07 5.01 24.52
N LEU A 203 1.60 3.81 24.79
CA LEU A 203 1.46 3.32 26.13
C LEU A 203 2.18 1.98 26.22
N VAL A 204 3.14 1.89 27.14
CA VAL A 204 3.83 0.60 27.45
C VAL A 204 3.35 0.18 28.81
N SER A 205 2.62 -0.95 28.90
CA SER A 205 2.11 -1.38 30.18
C SER A 205 3.14 -2.14 31.06
N GLY A 206 4.20 -2.67 30.43
CA GLY A 206 5.30 -3.33 31.13
C GLY A 206 6.48 -2.36 31.19
N ASP A 207 7.69 -2.90 31.10
CA ASP A 207 8.90 -2.13 31.33
C ASP A 207 9.46 -1.68 29.99
N LEU A 208 10.31 -0.65 30.03
CA LEU A 208 11.09 -0.22 28.85
C LEU A 208 12.55 -0.49 29.09
N PHE A 209 13.05 -1.60 28.49
CA PHE A 209 14.45 -1.95 28.49
C PHE A 209 15.11 -1.60 27.15
N GLY A 210 14.30 -1.44 26.09
CA GLY A 210 14.80 -1.01 24.74
C GLY A 210 14.69 0.49 24.55
N GLU A 211 14.18 0.93 23.41
CA GLU A 211 14.13 2.36 23.09
C GLU A 211 12.77 2.75 22.56
N VAL A 212 12.41 4.00 22.83
CA VAL A 212 11.19 4.65 22.31
C VAL A 212 11.61 6.02 21.75
N ASP A 213 11.02 6.36 20.59
CA ASP A 213 11.31 7.66 20.01
C ASP A 213 9.96 8.22 19.56
N GLY A 214 9.62 9.39 20.08
CA GLY A 214 8.33 10.08 19.72
C GLY A 214 8.43 10.65 18.30
N GLY A 215 9.66 10.98 17.88
CA GLY A 215 9.91 11.61 16.59
C GLY A 215 9.40 13.03 16.59
N THR A 216 9.32 13.63 15.41
CA THR A 216 8.78 15.00 15.34
C THR A 216 7.31 14.96 15.71
N GLY A 217 6.72 16.13 15.85
CA GLY A 217 5.30 16.24 16.29
C GLY A 217 5.19 16.24 17.82
N ASN A 218 3.98 16.44 18.31
CA ASN A 218 3.70 16.57 19.76
C ASN A 218 3.16 15.25 20.24
N ASP A 219 4.05 14.49 20.87
CA ASP A 219 3.73 13.10 21.23
C ASP A 219 3.47 12.89 22.72
N THR A 220 2.69 11.84 22.99
CA THR A 220 2.45 11.38 24.36
C THR A 220 3.04 10.00 24.53
N ILE A 221 3.94 9.86 25.49
CA ILE A 221 4.56 8.54 25.81
C ILE A 221 4.32 8.23 27.26
N ILE A 222 3.74 7.06 27.54
CA ILE A 222 3.48 6.62 28.90
C ILE A 222 4.09 5.23 29.10
N ILE A 223 4.94 5.12 30.11
CA ILE A 223 5.56 3.82 30.51
C ILE A 223 5.04 3.49 31.89
N ALA A 224 4.26 2.42 32.00
CA ALA A 224 3.72 2.01 33.34
C ALA A 224 4.76 1.36 34.25
N GLY A 225 5.68 0.62 33.63
CA GLY A 225 6.69 -0.17 34.35
C GLY A 225 7.97 0.63 34.48
N LYS A 226 9.08 -0.08 34.69
CA LYS A 226 10.37 0.53 34.98
C LYS A 226 10.99 0.90 33.66
N VAL A 227 11.94 1.84 33.69
CA VAL A 227 12.68 2.22 32.48
C VAL A 227 14.16 2.01 32.81
N SER A 228 14.81 1.19 32.01
CA SER A 228 16.26 1.19 32.00
C SER A 228 16.81 1.64 30.64
N GLY A 229 15.97 1.71 29.59
CA GLY A 229 16.45 1.99 28.23
C GLY A 229 16.34 3.49 27.91
N ASN A 230 16.00 3.83 26.68
CA ASN A 230 16.06 5.24 26.27
C ASN A 230 14.71 5.71 25.82
N ILE A 231 14.39 6.95 26.14
CA ILE A 231 13.19 7.61 25.59
C ILE A 231 13.65 8.94 24.96
N GLN A 232 13.27 9.18 23.70
CA GLN A 232 13.47 10.47 23.05
CA GLN A 232 13.47 10.48 23.05
C GLN A 232 12.08 11.05 22.75
N GLY A 233 11.80 12.26 23.19
CA GLY A 233 10.51 12.90 22.87
C GLY A 233 10.55 13.41 21.44
N GLY A 234 11.77 13.76 21.00
CA GLY A 234 12.01 14.34 19.66
C GLY A 234 11.62 15.82 19.64
N THR A 235 11.61 16.43 18.46
CA THR A 235 11.10 17.82 18.34
C THR A 235 9.60 17.80 18.73
N GLY A 236 9.03 18.98 18.86
CA GLY A 236 7.63 19.07 19.23
C GLY A 236 7.50 19.20 20.74
N ASN A 237 6.28 19.52 21.14
CA ASN A 237 5.94 19.73 22.57
C ASN A 237 5.32 18.46 23.12
N ASP A 238 6.16 17.64 23.74
CA ASP A 238 5.83 16.26 24.13
C ASP A 238 5.52 16.14 25.62
N ILE A 239 4.84 15.06 25.97
CA ILE A 239 4.67 14.73 27.39
C ILE A 239 5.08 13.25 27.59
N VAL A 240 5.96 13.02 28.54
CA VAL A 240 6.43 11.67 28.87
C VAL A 240 6.06 11.42 30.31
N ARG A 241 5.46 10.26 30.57
CA ARG A 241 5.15 9.90 31.94
C ARG A 241 5.72 8.50 32.21
N VAL A 242 6.46 8.37 33.30
CA VAL A 242 7.01 7.06 33.74
CA VAL A 242 7.01 7.09 33.72
C VAL A 242 6.45 6.78 35.11
N GLN A 243 5.81 5.61 35.26
CA GLN A 243 5.12 5.33 36.52
C GLN A 243 5.86 4.48 37.55
N SER A 244 6.97 3.85 37.14
CA SER A 244 7.79 3.06 38.06
C SER A 244 9.25 3.53 38.01
N GLN A 245 10.16 2.76 38.61
CA GLN A 245 11.56 3.17 38.80
C GLN A 245 12.23 3.44 37.50
N VAL A 246 13.01 4.52 37.46
CA VAL A 246 13.87 4.81 36.34
C VAL A 246 15.28 4.47 36.84
N TRP A 247 15.85 3.42 36.28
CA TRP A 247 17.16 2.95 36.71
C TRP A 247 18.31 3.85 36.20
N ALA A 248 19.49 3.71 36.82
CA ALA A 248 20.59 4.64 36.57
C ALA A 248 21.05 4.73 35.11
N GLU A 249 20.95 3.62 34.36
CA GLU A 249 21.43 3.58 32.94
C GLU A 249 20.43 4.16 31.92
N ALA A 250 19.22 4.47 32.38
CA ALA A 250 18.20 4.99 31.52
C ALA A 250 18.59 6.40 31.06
N ASN A 251 18.14 6.77 29.84
CA ASN A 251 18.26 8.15 29.37
CA ASN A 251 18.27 8.15 29.36
C ASN A 251 16.94 8.63 28.84
N ILE A 252 16.45 9.74 29.40
CA ILE A 252 15.17 10.32 28.91
C ILE A 252 15.50 11.70 28.43
N SER A 253 15.39 11.89 27.11
CA SER A 253 15.65 13.19 26.50
CA SER A 253 15.67 13.17 26.46
C SER A 253 14.38 13.68 25.81
N LEU A 254 13.99 14.91 26.13
CA LEU A 254 12.68 15.39 25.67
C LEU A 254 12.73 16.10 24.32
N GLY A 255 13.95 16.43 23.90
CA GLY A 255 14.13 17.01 22.60
C GLY A 255 13.83 18.52 22.59
N THR A 256 13.98 19.12 21.43
CA THR A 256 13.55 20.51 21.29
C THR A 256 12.02 20.53 21.55
N GLY A 257 11.50 21.74 21.69
CA GLY A 257 10.09 21.97 22.04
C GLY A 257 9.93 22.10 23.55
N ASP A 258 8.74 22.36 23.93
CA ASP A 258 8.37 22.77 25.29
C ASP A 258 7.86 21.54 26.01
N ASP A 259 8.64 20.64 26.68
CA ASP A 259 8.24 19.28 27.04
C ASP A 259 7.93 19.11 28.51
N VAL A 260 7.19 18.04 28.83
CA VAL A 260 6.86 17.72 30.21
C VAL A 260 7.32 16.30 30.51
N LEU A 261 7.98 16.11 31.65
CA LEU A 261 8.31 14.76 32.12
C LEU A 261 7.70 14.57 33.51
N ILE A 262 6.84 13.58 33.61
CA ILE A 262 6.27 13.17 34.88
C ILE A 262 6.86 11.86 35.32
N VAL A 263 7.47 11.89 36.50
CA VAL A 263 8.13 10.68 37.03
C VAL A 263 7.46 10.36 38.33
N GLU A 264 6.79 9.20 38.37
CA GLU A 264 5.98 8.90 39.55
C GLU A 264 6.72 8.13 40.67
N HIS A 265 7.93 7.65 40.38
CA HIS A 265 8.67 6.78 41.32
C HIS A 265 10.16 7.24 41.40
N GLU A 266 11.06 6.35 41.77
CA GLU A 266 12.48 6.67 41.88
C GLU A 266 13.05 7.15 40.56
N LEU A 267 13.96 8.11 40.63
CA LEU A 267 14.62 8.63 39.44
C LEU A 267 16.14 8.56 39.60
N HIS A 268 16.72 7.52 39.01
CA HIS A 268 18.18 7.35 39.08
C HIS A 268 18.88 7.71 37.78
N GLY A 269 18.10 7.74 36.69
CA GLY A 269 18.68 7.85 35.34
C GLY A 269 18.95 9.26 34.87
N THR A 270 19.42 9.39 33.64
CA THR A 270 19.76 10.72 33.06
C THR A 270 18.50 11.30 32.41
N VAL A 271 18.20 12.55 32.73
CA VAL A 271 16.99 13.20 32.18
C VAL A 271 17.35 14.58 31.65
N ALA A 272 16.83 14.89 30.48
CA ALA A 272 17.11 16.20 29.83
C ALA A 272 15.89 16.80 29.20
N GLY A 273 15.65 18.07 29.52
CA GLY A 273 14.58 18.83 28.84
C GLY A 273 15.02 19.20 27.41
N ASN A 274 16.35 19.33 27.23
CA ASN A 274 16.98 19.85 26.01
C ASN A 274 16.43 21.26 25.73
N GLU A 275 16.48 21.72 24.49
CA GLU A 275 16.05 23.09 24.19
C GLU A 275 14.57 23.21 24.52
N GLY A 276 14.13 24.41 24.83
CA GLY A 276 12.70 24.71 25.03
C GLY A 276 12.42 24.87 26.51
N ASP A 277 11.15 25.07 26.82
CA ASP A 277 10.67 25.40 28.16
C ASP A 277 10.14 24.11 28.75
N ASP A 278 10.97 23.49 29.57
CA ASP A 278 10.73 22.10 29.99
C ASP A 278 10.40 22.00 31.50
N SER A 279 9.47 21.08 31.79
CA SER A 279 8.91 20.85 33.13
C SER A 279 9.08 19.41 33.57
N ILE A 280 9.37 19.26 34.85
CA ILE A 280 9.49 17.90 35.41
C ILE A 280 8.71 17.87 36.71
N TYR A 281 7.98 16.76 36.94
CA TYR A 281 7.25 16.58 38.16
C TYR A 281 7.81 15.32 38.82
N LEU A 282 8.42 15.51 39.98
CA LEU A 282 9.02 14.42 40.76
C LEU A 282 8.02 14.04 41.83
N LYS A 283 7.05 13.21 41.47
CA LYS A 283 5.92 12.94 42.38
C LYS A 283 6.38 12.11 43.60
N PHE A 284 7.50 11.39 43.46
CA PHE A 284 7.98 10.46 44.50
C PHE A 284 8.79 11.13 45.62
N TYR A 285 9.23 12.36 45.39
CA TYR A 285 10.15 13.04 46.31
C TYR A 285 9.52 14.30 46.87
N THR A 286 9.59 14.46 48.19
CA THR A 286 9.12 15.71 48.80
C THR A 286 10.26 16.73 48.84
N LYS A 287 9.95 18.01 49.11
CA LYS A 287 11.01 19.02 49.23
C LYS A 287 12.18 18.57 50.12
N GLU A 288 11.83 17.95 51.25
CA GLU A 288 12.79 17.46 52.25
C GLU A 288 13.83 16.53 51.64
N GLN A 289 13.38 15.57 50.82
CA GLN A 289 14.28 14.64 50.11
C GLN A 289 15.10 15.35 49.06
N TYR A 290 14.41 16.13 48.22
CA TYR A 290 15.06 16.96 47.19
C TYR A 290 16.18 17.84 47.76
N ASN A 291 15.88 18.52 48.85
CA ASN A 291 16.85 19.44 49.50
C ASN A 291 17.99 18.71 50.16
N ASN A 292 17.87 17.39 50.27
CA ASN A 292 18.88 16.57 50.94
C ASN A 292 19.51 15.54 50.02
N ASN A 293 19.32 15.70 48.72
CA ASN A 293 19.82 14.75 47.76
C ASN A 293 20.47 15.53 46.61
N SER A 294 21.78 15.80 46.74
CA SER A 294 22.49 16.61 45.74
CA SER A 294 22.51 16.60 45.73
C SER A 294 22.56 15.91 44.37
N ASP A 295 22.68 14.58 44.36
CA ASP A 295 22.65 13.84 43.10
C ASP A 295 21.34 14.00 42.32
N LEU A 296 20.22 13.91 43.02
CA LEU A 296 18.88 14.14 42.43
C LEU A 296 18.77 15.57 41.90
N ARG A 297 19.12 16.56 42.72
CA ARG A 297 19.07 17.96 42.25
C ARG A 297 19.94 18.20 41.01
N ASN A 298 21.13 17.61 40.97
CA ASN A 298 22.04 17.79 39.83
C ASN A 298 21.46 17.13 38.56
N ARG A 299 20.85 15.96 38.71
CA ARG A 299 20.24 15.18 37.60
C ARG A 299 19.15 15.99 36.89
N VAL A 300 18.39 16.77 37.68
CA VAL A 300 17.19 17.46 37.14
C VAL A 300 17.37 18.96 36.94
N ALA A 301 18.55 19.46 37.30
CA ALA A 301 18.85 20.89 37.24
C ALA A 301 18.71 21.52 35.86
N ASN A 302 18.80 20.73 34.81
CA ASN A 302 18.67 21.26 33.46
C ASN A 302 17.20 21.69 33.15
N PHE A 303 16.24 21.20 33.95
CA PHE A 303 14.82 21.55 33.73
C PHE A 303 14.49 22.96 34.18
N GLU A 304 13.76 23.69 33.34
CA GLU A 304 13.34 25.05 33.72
C GLU A 304 12.35 25.07 34.90
N HIS A 305 11.48 24.08 34.99
CA HIS A 305 10.45 24.07 36.01
C HIS A 305 10.46 22.74 36.70
N ILE A 306 10.38 22.77 38.02
CA ILE A 306 10.53 21.53 38.79
C ILE A 306 9.53 21.53 39.92
N ARG A 307 8.61 20.58 39.88
CA ARG A 307 7.65 20.41 40.97
C ARG A 307 7.98 19.12 41.71
N VAL A 308 7.87 19.12 43.04
CA VAL A 308 8.05 17.88 43.84
C VAL A 308 6.71 17.55 44.50
N SER A 309 6.68 16.53 45.38
CA SER A 309 5.35 16.02 45.79
C SER A 309 4.53 17.03 46.60
N ASP A 310 5.23 17.90 47.31
CA ASP A 310 4.58 18.83 48.23
C ASP A 310 4.93 20.30 47.92
N GLY A 311 5.27 20.59 46.68
CA GLY A 311 5.44 22.01 46.29
C GLY A 311 6.36 22.21 45.11
N VAL A 312 6.80 23.46 44.91
CA VAL A 312 7.59 23.85 43.76
C VAL A 312 9.02 24.16 44.22
N VAL A 313 10.02 23.67 43.47
CA VAL A 313 11.42 23.94 43.82
C VAL A 313 12.15 24.79 42.78
N LYS A 314 11.55 24.92 41.61
CA LYS A 314 12.17 25.72 40.55
C LYS A 314 11.14 26.19 39.52
N GLY A 315 11.19 27.46 39.14
CA GLY A 315 10.35 27.92 38.04
C GLY A 315 8.90 28.05 38.40
N SER A 316 8.04 27.81 37.41
CA SER A 316 6.60 27.99 37.58
C SER A 316 5.89 26.82 36.91
N PRO A 317 6.12 25.59 37.44
CA PRO A 317 5.50 24.42 36.83
C PRO A 317 3.98 24.43 37.00
N ALA A 318 3.27 23.72 36.11
CA ALA A 318 1.84 23.50 36.30
C ALA A 318 1.55 22.69 37.56
N ASP A 319 0.29 22.67 37.96
CA ASP A 319 -0.03 21.96 39.21
C ASP A 319 0.03 20.43 39.09
N PHE A 320 -0.16 19.91 37.87
CA PHE A 320 -0.17 18.45 37.58
C PHE A 320 -1.10 17.68 38.53
N ALA A 321 -2.31 18.22 38.73
CA ALA A 321 -3.26 17.68 39.73
C ALA A 321 -3.81 16.27 39.38
N ASP A 322 -3.60 15.86 38.12
CA ASP A 322 -4.13 14.59 37.57
C ASP A 322 -3.37 13.32 37.97
N TYR A 323 -2.20 13.49 38.59
CA TYR A 323 -1.21 12.40 38.60
C TYR A 323 -0.92 11.80 39.97
N SER B 8 -23.60 16.10 24.80
CA SER B 8 -23.65 15.50 26.18
C SER B 8 -22.57 16.10 27.11
N PHE B 9 -21.32 16.14 26.62
CA PHE B 9 -20.21 16.72 27.40
C PHE B 9 -20.58 18.14 27.85
N GLY B 10 -20.31 18.46 29.12
CA GLY B 10 -20.51 19.82 29.63
C GLY B 10 -19.29 20.69 29.39
N PHE B 11 -19.34 21.56 28.37
CA PHE B 11 -18.23 22.49 28.10
C PHE B 11 -18.20 23.69 29.03
N TRP B 12 -16.99 24.15 29.31
CA TRP B 12 -16.79 25.45 29.92
C TRP B 12 -17.32 26.57 29.02
N ASP B 13 -18.01 27.52 29.62
CA ASP B 13 -18.64 28.60 28.88
C ASP B 13 -17.77 29.82 28.73
N GLY B 14 -16.47 29.69 29.03
CA GLY B 14 -15.58 30.80 28.78
C GLY B 14 -15.58 31.89 29.83
N THR B 15 -16.35 31.71 30.91
CA THR B 15 -16.41 32.71 32.00
C THR B 15 -15.38 32.45 33.13
N SER B 16 -14.99 33.54 33.78
CA SER B 16 -14.03 33.52 34.87
CA SER B 16 -14.08 33.48 34.92
C SER B 16 -14.36 34.62 35.86
N THR B 17 -13.99 34.43 37.13
CA THR B 17 -14.03 35.50 38.11
C THR B 17 -12.80 36.36 37.86
N GLN B 18 -12.79 37.62 38.32
CA GLN B 18 -11.61 38.47 38.11
C GLN B 18 -10.32 37.92 38.71
N ALA B 19 -10.43 37.34 39.90
CA ALA B 19 -9.28 36.79 40.62
C ALA B 19 -8.62 35.59 39.92
N GLU B 20 -9.45 34.83 39.18
CA GLU B 20 -9.13 33.60 38.43
C GLU B 20 -8.28 33.90 37.22
N ILE B 21 -8.54 35.06 36.60
CA ILE B 21 -7.91 35.44 35.35
C ILE B 21 -6.46 35.81 35.58
N THR B 22 -5.57 35.22 34.80
CA THR B 22 -4.15 35.49 34.95
C THR B 22 -3.65 36.51 33.95
N HIS B 23 -4.30 36.57 32.78
CA HIS B 23 -3.89 37.46 31.69
C HIS B 23 -5.16 38.01 31.07
N SER B 24 -5.30 39.35 31.08
CA SER B 24 -6.44 40.04 30.43
C SER B 24 -5.97 40.83 29.21
N PHE B 25 -6.77 40.77 28.13
CA PHE B 25 -6.51 41.56 26.93
C PHE B 25 -7.78 42.17 26.37
N ASP B 26 -7.64 43.32 25.70
CA ASP B 26 -8.69 43.81 24.83
C ASP B 26 -8.48 43.09 23.50
N HIS B 27 -7.90 43.73 22.48
CA HIS B 27 -7.31 42.91 21.42
C HIS B 27 -5.98 42.30 21.86
N TYR B 28 -5.84 41.00 21.66
CA TYR B 28 -4.55 40.33 21.92
C TYR B 28 -3.64 40.52 20.71
N ILE B 29 -2.51 41.19 20.94
CA ILE B 29 -1.51 41.45 19.87
C ILE B 29 -0.12 40.88 20.23
N GLY B 30 -0.12 39.94 21.18
CA GLY B 30 1.12 39.26 21.59
C GLY B 30 1.36 39.37 23.09
N SER B 31 1.91 38.30 23.68
CA SER B 31 2.31 38.31 25.08
C SER B 31 3.05 37.00 25.29
N ALA B 32 3.85 36.97 26.35
CA ALA B 32 4.45 35.73 26.81
C ALA B 32 3.46 35.09 27.80
N PHE B 33 3.41 33.76 27.81
CA PHE B 33 2.72 33.02 28.86
C PHE B 33 3.73 32.19 29.59
N ASP B 34 3.30 31.15 30.28
CA ASP B 34 4.31 30.35 30.98
C ASP B 34 3.87 28.91 31.14
N ALA B 35 4.72 28.13 31.81
CA ALA B 35 4.51 26.70 31.97
C ALA B 35 3.44 26.31 32.99
N SER B 36 2.84 27.29 33.64
CA SER B 36 1.80 27.05 34.64
C SER B 36 0.42 27.15 34.01
N ASN B 37 -0.61 26.84 34.80
CA ASN B 37 -2.02 26.91 34.31
C ASN B 37 -2.39 28.39 34.14
N ASN B 38 -2.48 28.86 32.91
CA ASN B 38 -2.86 30.28 32.67
C ASN B 38 -4.37 30.34 32.49
N ASN B 39 -4.95 31.49 32.75
CA ASN B 39 -6.37 31.72 32.51
C ASN B 39 -6.47 33.05 31.78
N VAL B 40 -6.66 32.96 30.46
CA VAL B 40 -6.49 34.10 29.58
C VAL B 40 -7.86 34.55 29.11
N ALA B 41 -8.12 35.84 29.26
CA ALA B 41 -9.40 36.43 28.86
C ALA B 41 -9.14 37.50 27.82
N VAL B 42 -9.59 37.26 26.59
CA VAL B 42 -9.42 38.23 25.50
C VAL B 42 -10.82 38.79 25.15
N THR B 43 -10.98 40.10 25.28
CA THR B 43 -12.27 40.73 25.03
C THR B 43 -12.45 40.98 23.52
N GLY B 44 -11.34 41.15 22.81
CA GLY B 44 -11.37 41.37 21.37
C GLY B 44 -10.98 40.12 20.63
N ASN B 45 -10.12 40.28 19.60
CA ASN B 45 -9.68 39.18 18.73
C ASN B 45 -8.27 38.77 19.11
N VAL B 46 -7.89 37.57 18.71
CA VAL B 46 -6.49 37.16 18.69
C VAL B 46 -5.84 37.52 17.35
N SER B 47 -4.89 38.45 17.39
CA SER B 47 -4.23 38.92 16.17
C SER B 47 -2.74 38.70 16.14
N ALA B 48 -2.23 37.84 17.02
CA ALA B 48 -0.84 37.49 16.98
C ALA B 48 -0.80 36.05 17.44
N THR B 49 0.32 35.33 17.30
CA THR B 49 0.35 33.94 17.89
C THR B 49 0.19 33.98 19.40
N LEU B 50 -0.53 32.97 19.90
CA LEU B 50 -0.91 32.87 21.31
C LEU B 50 -0.61 31.44 21.70
N ASN B 51 0.49 31.28 22.46
CA ASN B 51 1.00 29.94 22.84
C ASN B 51 0.99 29.89 24.34
N VAL B 52 0.00 29.18 24.92
CA VAL B 52 -0.07 29.12 26.38
C VAL B 52 0.84 28.05 27.04
N LEU B 53 1.55 27.28 26.21
CA LEU B 53 2.64 26.37 26.69
C LEU B 53 2.10 25.31 27.66
N ALA B 54 2.98 24.78 28.50
CA ALA B 54 2.57 23.72 29.48
C ALA B 54 1.49 24.24 30.45
N GLY B 55 0.86 23.32 31.14
CA GLY B 55 -0.23 23.68 32.07
C GLY B 55 -1.60 23.37 31.46
N ASP B 56 -2.58 23.20 32.35
CA ASP B 56 -3.97 23.05 31.92
C ASP B 56 -4.46 24.49 31.80
N ASP B 57 -4.33 25.03 30.61
CA ASP B 57 -4.62 26.48 30.42
C ASP B 57 -6.07 26.68 30.03
N LYS B 58 -6.64 27.84 30.34
CA LYS B 58 -7.97 28.22 29.86
C LYS B 58 -7.80 29.48 29.07
N VAL B 59 -8.38 29.50 27.87
CA VAL B 59 -8.30 30.69 27.00
C VAL B 59 -9.71 30.98 26.55
N SER B 60 -10.17 32.21 26.78
CA SER B 60 -11.52 32.61 26.42
C SER B 60 -11.42 33.83 25.52
N ILE B 61 -11.97 33.71 24.32
CA ILE B 61 -11.84 34.81 23.32
C ILE B 61 -13.20 35.23 22.89
N ASP B 62 -13.57 36.49 23.15
CA ASP B 62 -14.94 36.96 22.87
C ASP B 62 -15.07 37.30 21.37
N GLY B 63 -13.94 37.57 20.72
CA GLY B 63 -13.92 37.90 19.28
C GLY B 63 -13.50 36.67 18.50
N ASN B 64 -12.60 36.86 17.53
CA ASN B 64 -12.22 35.79 16.63
C ASN B 64 -10.76 35.39 16.82
N VAL B 65 -10.40 34.18 16.42
CA VAL B 65 -8.98 33.93 16.21
C VAL B 65 -8.74 34.34 14.78
N GLU B 66 -7.93 35.38 14.57
CA GLU B 66 -7.83 35.93 13.24
C GLU B 66 -6.82 35.14 12.42
N ASP B 67 -6.84 35.43 11.11
CA ASP B 67 -5.98 34.77 10.16
C ASP B 67 -4.61 35.48 10.23
N VAL B 68 -3.87 35.18 11.30
CA VAL B 68 -2.58 35.87 11.47
C VAL B 68 -1.50 35.34 10.54
N LEU B 69 -0.68 36.24 10.05
CA LEU B 69 0.38 35.86 9.13
C LEU B 69 1.43 35.07 9.92
N VAL B 70 1.54 33.80 9.58
CA VAL B 70 2.52 32.89 10.24
C VAL B 70 3.18 32.00 9.18
N ALA B 71 4.26 31.29 9.55
CA ALA B 71 4.91 30.40 8.59
C ALA B 71 3.98 29.21 8.26
N ALA B 72 4.30 28.48 7.20
CA ALA B 72 3.41 27.42 6.75
C ALA B 72 3.11 26.41 7.84
N ASN B 73 1.80 26.14 8.00
CA ASN B 73 1.31 25.11 8.93
CA ASN B 73 1.25 25.14 8.94
C ASN B 73 1.52 25.43 10.42
N VAL B 74 1.93 26.66 10.73
CA VAL B 74 2.17 27.03 12.13
C VAL B 74 0.81 27.42 12.77
N ALA B 75 0.62 26.97 14.00
CA ALA B 75 -0.62 27.32 14.70
C ALA B 75 -0.64 28.80 15.08
N VAL B 76 -1.81 29.46 14.90
CA VAL B 76 -1.95 30.79 15.47
C VAL B 76 -2.20 30.69 16.96
N LEU B 77 -2.94 29.64 17.37
CA LEU B 77 -3.24 29.45 18.77
C LEU B 77 -2.78 28.04 19.11
N ASP B 78 -1.78 27.94 20.00
CA ASP B 78 -1.29 26.60 20.37
C ASP B 78 -1.58 26.43 21.86
N MET B 79 -2.42 25.46 22.24
CA MET B 79 -2.71 25.29 23.69
C MET B 79 -1.60 24.54 24.45
N GLY B 80 -0.68 23.93 23.71
CA GLY B 80 0.52 23.25 24.23
C GLY B 80 0.17 21.97 24.96
N THR B 81 1.12 21.40 25.69
CA THR B 81 0.81 20.22 26.52
C THR B 81 -0.22 20.65 27.59
N GLY B 82 -0.89 19.69 28.19
CA GLY B 82 -1.86 20.03 29.23
C GLY B 82 -3.29 19.74 28.77
N ASN B 83 -4.19 19.61 29.75
CA ASN B 83 -5.62 19.39 29.41
C ASN B 83 -6.22 20.76 29.32
N ASP B 84 -6.13 21.38 28.15
CA ASP B 84 -6.46 22.80 27.99
C ASP B 84 -7.91 23.01 27.66
N GLN B 85 -8.41 24.23 27.91
CA GLN B 85 -9.82 24.56 27.65
C GLN B 85 -9.82 25.82 26.82
N LEU B 86 -10.47 25.71 25.67
CA LEU B 86 -10.59 26.87 24.81
C LEU B 86 -12.07 27.22 24.58
N TYR B 87 -12.39 28.52 24.69
CA TYR B 87 -13.72 29.02 24.35
C TYR B 87 -13.51 30.19 23.39
N VAL B 88 -14.13 30.09 22.21
CA VAL B 88 -14.12 31.19 21.23
C VAL B 88 -15.58 31.59 20.92
N ALA B 89 -15.94 32.82 21.25
CA ALA B 89 -17.33 33.26 21.03
C ALA B 89 -17.57 33.59 19.55
N GLY B 90 -16.49 33.88 18.84
CA GLY B 90 -16.56 34.27 17.43
C GLY B 90 -16.15 33.13 16.51
N ASP B 91 -15.37 33.50 15.45
CA ASP B 91 -14.93 32.53 14.41
C ASP B 91 -13.48 32.18 14.58
N VAL B 92 -13.06 31.09 13.97
CA VAL B 92 -11.66 30.72 13.94
C VAL B 92 -11.20 30.78 12.49
N LEU B 93 -10.28 31.71 12.24
CA LEU B 93 -9.75 31.96 10.90
C LEU B 93 -8.26 31.66 10.81
N GLY B 94 -7.68 31.25 11.92
CA GLY B 94 -6.23 30.91 11.96
C GLY B 94 -6.09 29.58 12.65
N LYS B 95 -5.04 28.83 12.34
CA LYS B 95 -4.93 27.43 12.85
C LYS B 95 -4.88 27.28 14.38
N ILE B 96 -5.62 26.32 14.90
CA ILE B 96 -5.50 25.97 16.31
C ILE B 96 -4.82 24.58 16.43
N ASP B 97 -3.91 24.46 17.38
CA ASP B 97 -3.35 23.16 17.77
C ASP B 97 -3.59 23.08 19.28
N ALA B 98 -4.35 22.09 19.70
CA ALA B 98 -4.65 21.90 21.14
C ALA B 98 -3.55 21.11 21.85
N GLY B 99 -2.65 20.49 21.10
CA GLY B 99 -1.50 19.76 21.61
C GLY B 99 -1.82 18.47 22.35
N THR B 100 -0.82 17.90 23.00
CA THR B 100 -1.07 16.72 23.84
C THR B 100 -2.09 17.07 24.96
N GLY B 101 -2.64 16.04 25.57
CA GLY B 101 -3.56 16.29 26.65
C GLY B 101 -5.01 16.16 26.19
N ASN B 102 -5.92 15.98 27.16
CA ASN B 102 -7.34 15.88 26.89
C ASN B 102 -7.93 17.30 26.86
N ASP B 103 -8.00 17.84 25.66
CA ASP B 103 -8.37 19.25 25.45
C ASP B 103 -9.85 19.40 25.19
N GLU B 104 -10.35 20.61 25.41
CA GLU B 104 -11.77 20.89 25.21
C GLU B 104 -11.76 22.17 24.41
N ILE B 105 -12.45 22.13 23.29
CA ILE B 105 -12.50 23.29 22.38
C ILE B 105 -13.96 23.55 22.12
N TYR B 106 -14.39 24.78 22.39
CA TYR B 106 -15.76 25.19 22.13
C TYR B 106 -15.66 26.47 21.31
N ILE B 107 -16.15 26.40 20.09
CA ILE B 107 -16.11 27.55 19.18
C ILE B 107 -17.55 27.78 18.81
N LYS B 108 -18.05 28.96 19.11
CA LYS B 108 -19.46 29.25 18.81
C LYS B 108 -19.76 29.40 17.30
N GLY B 109 -18.82 30.07 16.63
CA GLY B 109 -18.94 30.47 15.22
C GLY B 109 -18.46 29.42 14.25
N ASP B 110 -17.96 29.92 13.13
CA ASP B 110 -17.51 29.13 12.01
C ASP B 110 -16.04 28.85 12.14
N VAL B 111 -15.57 27.81 11.47
CA VAL B 111 -14.14 27.52 11.49
C VAL B 111 -13.70 27.45 10.04
N SER B 112 -12.76 28.29 9.67
CA SER B 112 -12.29 28.27 8.30
C SER B 112 -10.77 27.99 8.22
N ALA B 113 -10.21 27.50 9.32
CA ALA B 113 -8.77 27.22 9.37
C ALA B 113 -8.61 25.82 10.00
N ALA B 114 -7.40 25.28 9.90
CA ALA B 114 -7.12 23.96 10.47
C ALA B 114 -7.28 23.97 11.97
N VAL B 115 -7.87 22.88 12.48
CA VAL B 115 -7.97 22.65 13.92
C VAL B 115 -7.45 21.24 14.17
N ASP B 116 -6.37 21.14 14.94
CA ASP B 116 -5.76 19.83 15.28
C ASP B 116 -5.94 19.65 16.78
N ALA B 117 -6.70 18.62 17.18
CA ALA B 117 -6.91 18.48 18.64
C ALA B 117 -5.77 17.69 19.32
N GLY B 118 -4.95 17.01 18.49
CA GLY B 118 -3.80 16.27 18.98
C GLY B 118 -4.01 14.94 19.65
N THR B 119 -2.94 14.45 20.26
CA THR B 119 -3.13 13.27 21.08
C THR B 119 -4.04 13.62 22.29
N GLY B 120 -4.52 12.60 22.98
CA GLY B 120 -5.46 12.86 24.07
C GLY B 120 -6.94 12.74 23.66
N ASN B 121 -7.79 12.52 24.66
CA ASN B 121 -9.22 12.34 24.45
C ASN B 121 -9.83 13.73 24.41
N ASP B 122 -10.00 14.25 23.21
CA ASP B 122 -10.39 15.67 23.05
C ASP B 122 -11.88 15.82 22.86
N GLU B 123 -12.40 16.98 23.23
CA GLU B 123 -13.83 17.28 23.10
C GLU B 123 -13.94 18.51 22.28
N VAL B 124 -14.66 18.46 21.17
CA VAL B 124 -14.67 19.62 20.26
C VAL B 124 -16.13 19.91 19.94
N TYR B 125 -16.50 21.19 20.08
CA TYR B 125 -17.79 21.67 19.66
C TYR B 125 -17.57 22.88 18.77
N ILE B 126 -18.17 22.87 17.58
CA ILE B 126 -18.11 24.01 16.68
C ILE B 126 -19.55 24.32 16.32
N GLY B 127 -20.05 25.50 16.73
CA GLY B 127 -21.49 25.80 16.55
C GLY B 127 -21.86 26.08 15.11
N GLY B 128 -20.91 26.64 14.36
CA GLY B 128 -21.14 27.00 12.94
C GLY B 128 -20.75 25.90 11.95
N ASN B 129 -20.26 26.35 10.80
CA ASN B 129 -19.87 25.44 9.72
C ASN B 129 -18.38 25.15 9.79
N LEU B 130 -17.99 23.92 9.47
CA LEU B 130 -16.58 23.60 9.40
C LEU B 130 -16.08 23.67 7.94
N SER B 131 -15.25 24.67 7.66
CA SER B 131 -14.75 24.88 6.33
CA SER B 131 -14.74 24.85 6.31
C SER B 131 -13.21 24.83 6.31
N GLY B 132 -12.62 24.52 7.45
CA GLY B 132 -11.17 24.27 7.51
C GLY B 132 -11.02 22.80 7.94
N ASP B 133 -9.86 22.21 7.69
CA ASP B 133 -9.74 20.76 7.95
C ASP B 133 -9.59 20.50 9.46
N LEU B 134 -10.33 19.54 10.01
CA LEU B 134 -10.26 19.27 11.43
C LEU B 134 -9.67 17.88 11.58
N ASP B 135 -8.68 17.76 12.46
CA ASP B 135 -8.09 16.43 12.73
C ASP B 135 -8.16 16.26 14.23
N ALA B 136 -8.94 15.31 14.70
CA ALA B 136 -9.08 15.13 16.16
C ALA B 136 -7.90 14.34 16.77
N GLY B 137 -7.06 13.79 15.89
CA GLY B 137 -5.80 13.08 16.29
C GLY B 137 -6.06 11.74 17.01
N THR B 138 -5.04 11.22 17.66
CA THR B 138 -5.17 9.92 18.34
C THR B 138 -6.15 10.01 19.54
N ASP B 139 -6.49 8.84 20.05
CA ASP B 139 -7.32 8.69 21.24
C ASP B 139 -8.79 8.98 20.98
N ASN B 140 -9.63 8.88 22.00
CA ASN B 140 -11.08 8.82 21.81
C ASN B 140 -11.61 10.23 21.84
N ASP B 141 -11.98 10.74 20.67
CA ASP B 141 -12.39 12.13 20.55
C ASP B 141 -13.88 12.20 20.28
N ASN B 142 -14.52 13.23 20.84
CA ASN B 142 -15.94 13.54 20.62
C ASN B 142 -15.99 14.88 19.91
N ILE B 143 -16.67 14.91 18.78
CA ILE B 143 -16.70 16.10 17.89
C ILE B 143 -18.15 16.41 17.56
N GLN B 144 -18.55 17.67 17.77
CA GLN B 144 -19.87 18.08 17.38
C GLN B 144 -19.78 19.33 16.54
N ILE B 145 -20.43 19.29 15.38
CA ILE B 145 -20.44 20.43 14.47
C ILE B 145 -21.91 20.85 14.33
N GLY B 146 -22.26 22.09 14.72
CA GLY B 146 -23.68 22.48 14.61
C GLY B 146 -24.19 22.63 13.19
N GLY B 147 -23.34 23.11 12.28
CA GLY B 147 -23.74 23.34 10.88
C GLY B 147 -23.25 22.25 9.93
N ASP B 148 -22.65 22.65 8.81
CA ASP B 148 -22.20 21.71 7.78
C ASP B 148 -20.73 21.36 7.93
N VAL B 149 -20.34 20.21 7.40
CA VAL B 149 -18.92 19.89 7.30
C VAL B 149 -18.60 20.04 5.83
N ASN B 150 -17.83 21.08 5.52
CA ASN B 150 -17.53 21.40 4.16
C ASN B 150 -16.12 21.03 3.73
N ALA B 151 -15.26 20.71 4.69
CA ALA B 151 -13.88 20.45 4.44
C ALA B 151 -13.58 19.02 4.94
N ALA B 152 -12.32 18.68 5.15
CA ALA B 152 -11.98 17.35 5.64
C ALA B 152 -12.18 17.30 7.13
N LEU B 153 -12.64 16.15 7.60
CA LEU B 153 -12.75 15.95 9.05
C LEU B 153 -12.22 14.56 9.32
N ASN B 154 -11.08 14.48 10.03
CA ASN B 154 -10.44 13.20 10.33
C ASN B 154 -10.54 12.94 11.82
N ALA B 155 -11.18 11.84 12.26
CA ALA B 155 -11.33 11.61 13.72
C ALA B 155 -10.11 10.86 14.25
N GLY B 156 -9.32 10.28 13.35
CA GLY B 156 -8.06 9.66 13.74
C GLY B 156 -8.20 8.29 14.42
N THR B 157 -7.10 7.83 15.05
CA THR B 157 -7.19 6.56 15.74
C THR B 157 -8.07 6.76 16.98
N GLY B 158 -8.45 5.65 17.59
CA GLY B 158 -9.37 5.76 18.73
C GLY B 158 -10.89 5.65 18.41
N ASN B 159 -11.69 5.40 19.43
CA ASN B 159 -13.13 5.27 19.20
C ASN B 159 -13.68 6.69 19.26
N ASP B 160 -14.09 7.23 18.10
CA ASP B 160 -14.47 8.63 18.06
C ASP B 160 -15.97 8.74 17.82
N ASN B 161 -16.57 9.82 18.31
CA ASN B 161 -18.00 10.09 18.12
C ASN B 161 -18.17 11.44 17.45
N LEU B 162 -18.92 11.47 16.36
CA LEU B 162 -19.05 12.68 15.56
C LEU B 162 -20.55 12.95 15.40
N ILE B 163 -20.96 14.18 15.72
CA ILE B 163 -22.36 14.60 15.52
C ILE B 163 -22.27 15.83 14.60
N ILE B 164 -23.04 15.82 13.53
CA ILE B 164 -23.05 16.97 12.63
C ILE B 164 -24.50 17.37 12.52
N GLY B 165 -24.75 18.64 12.78
CA GLY B 165 -26.12 19.14 12.82
C GLY B 165 -26.83 19.16 11.48
N HIS B 166 -26.09 19.59 10.45
CA HIS B 166 -26.66 19.77 9.10
C HIS B 166 -26.02 18.82 8.08
N ASP B 167 -25.34 19.36 7.06
CA ASP B 167 -25.00 18.55 5.89
C ASP B 167 -23.54 18.14 5.89
N VAL B 168 -23.20 17.19 5.04
CA VAL B 168 -21.80 16.88 4.79
C VAL B 168 -21.58 17.13 3.30
N SER B 169 -20.70 18.07 3.00
CA SER B 169 -20.24 18.28 1.61
C SER B 169 -18.79 17.91 1.43
N GLY B 170 -18.06 17.82 2.54
CA GLY B 170 -16.64 17.47 2.50
C GLY B 170 -16.48 15.98 2.80
N ILE B 171 -15.29 15.58 3.22
CA ILE B 171 -14.92 14.19 3.37
C ILE B 171 -14.66 13.88 4.85
N VAL B 172 -15.50 13.03 5.44
CA VAL B 172 -15.32 12.62 6.82
C VAL B 172 -14.67 11.26 6.84
N ASN B 173 -13.53 11.18 7.55
CA ASN B 173 -12.85 9.92 7.81
C ASN B 173 -12.78 9.61 9.28
N MET B 174 -13.32 8.47 9.70
CA MET B 174 -13.38 8.24 11.13
C MET B 174 -12.15 7.42 11.57
N GLY B 175 -11.43 6.86 10.63
CA GLY B 175 -10.15 6.22 10.97
C GLY B 175 -10.30 4.89 11.73
N THR B 176 -9.25 4.48 12.42
CA THR B 176 -9.27 3.16 13.05
C THR B 176 -10.20 3.17 14.28
N ASP B 177 -10.51 1.97 14.73
CA ASP B 177 -11.27 1.74 15.95
C ASP B 177 -12.79 2.00 15.71
N ASN B 178 -13.58 1.92 16.76
CA ASN B 178 -15.04 1.81 16.62
C ASN B 178 -15.65 3.16 16.73
N ASP B 179 -16.03 3.73 15.59
CA ASP B 179 -16.51 5.11 15.56
C ASP B 179 -18.00 5.20 15.37
N THR B 180 -18.59 6.32 15.79
CA THR B 180 -20.00 6.53 15.57
C THR B 180 -20.18 7.88 14.94
N VAL B 181 -21.14 7.98 14.02
CA VAL B 181 -21.37 9.25 13.31
C VAL B 181 -22.87 9.49 13.19
N GLU B 182 -23.28 10.73 13.43
CA GLU B 182 -24.69 11.09 13.19
C GLU B 182 -24.67 12.33 12.34
N VAL B 183 -25.40 12.30 11.22
CA VAL B 183 -25.52 13.48 10.36
C VAL B 183 -26.98 13.89 10.46
N GLY B 184 -27.23 15.10 10.91
CA GLY B 184 -28.60 15.59 11.16
C GLY B 184 -29.39 15.86 9.88
N ARG B 185 -28.69 16.20 8.80
CA ARG B 185 -29.36 16.38 7.50
C ARG B 185 -28.78 15.47 6.42
N THR B 186 -28.16 16.04 5.41
CA THR B 186 -27.93 15.32 4.16
C THR B 186 -26.44 15.23 3.84
N ILE B 187 -26.03 14.06 3.37
CA ILE B 187 -24.72 13.91 2.77
C ILE B 187 -24.91 14.28 1.30
N ASN B 188 -24.40 15.45 0.93
CA ASN B 188 -24.50 15.96 -0.45
C ASN B 188 -23.68 15.20 -1.45
N ALA B 189 -23.89 15.51 -2.75
CA ALA B 189 -23.24 14.73 -3.81
C ALA B 189 -21.71 14.66 -3.66
N SER B 190 -21.11 15.74 -3.17
CA SER B 190 -19.65 15.83 -3.05
C SER B 190 -19.14 15.23 -1.72
N GLY B 191 -20.06 14.97 -0.80
CA GLY B 191 -19.70 14.54 0.54
C GLY B 191 -19.59 13.04 0.69
N LYS B 192 -18.73 12.63 1.61
CA LYS B 192 -18.52 11.23 1.97
C LYS B 192 -18.37 11.07 3.48
N VAL B 193 -18.88 9.94 3.98
CA VAL B 193 -18.57 9.54 5.35
C VAL B 193 -17.95 8.16 5.22
N LEU B 194 -16.67 8.09 5.60
CA LEU B 194 -15.80 6.91 5.50
C LEU B 194 -15.46 6.47 6.91
N LEU B 195 -15.96 5.29 7.31
CA LEU B 195 -15.91 4.93 8.72
C LEU B 195 -14.64 4.15 9.00
N ASP B 196 -14.05 3.64 7.93
CA ASP B 196 -12.70 3.00 7.97
C ASP B 196 -12.64 1.69 8.80
N THR B 197 -11.45 1.29 9.26
CA THR B 197 -11.38 0.05 10.00
C THR B 197 -12.14 0.12 11.32
N GLY B 198 -12.45 -1.03 11.90
CA GLY B 198 -13.23 -1.03 13.11
C GLY B 198 -14.73 -1.26 12.85
N ASP B 199 -15.39 -1.42 14.00
CA ASP B 199 -16.83 -1.77 13.93
C ASP B 199 -17.61 -0.46 14.11
N ASP B 200 -18.12 0.14 13.04
CA ASP B 200 -18.55 1.54 13.08
C ASP B 200 -20.03 1.68 12.87
N SER B 201 -20.55 2.86 13.23
CA SER B 201 -21.98 3.18 13.06
C SER B 201 -22.17 4.54 12.44
N LEU B 202 -23.18 4.63 11.58
CA LEU B 202 -23.57 5.90 10.99
C LEU B 202 -25.09 5.97 10.98
N LEU B 203 -25.64 7.13 11.35
CA LEU B 203 -27.05 7.48 11.13
C LEU B 203 -27.00 8.74 10.29
N VAL B 204 -27.76 8.75 9.20
CA VAL B 204 -27.94 9.96 8.41
C VAL B 204 -29.44 10.25 8.46
N SER B 205 -29.82 11.36 9.07
CA SER B 205 -31.25 11.63 9.30
C SER B 205 -31.91 12.27 8.07
N GLY B 206 -31.10 12.90 7.22
CA GLY B 206 -31.55 13.39 5.90
C GLY B 206 -31.27 12.37 4.77
N ASP B 207 -30.93 12.88 3.59
CA ASP B 207 -30.79 12.02 2.41
C ASP B 207 -29.33 11.69 2.15
N LEU B 208 -29.09 10.72 1.28
CA LEU B 208 -27.74 10.43 0.83
C LEU B 208 -27.60 10.64 -0.67
N PHE B 209 -26.96 11.76 -1.08
CA PHE B 209 -26.55 11.94 -2.48
C PHE B 209 -25.10 11.53 -2.73
N GLY B 210 -24.26 11.59 -1.69
CA GLY B 210 -22.84 11.32 -1.87
C GLY B 210 -22.58 9.84 -1.58
N GLU B 211 -21.52 9.57 -0.82
CA GLU B 211 -21.10 8.20 -0.59
C GLU B 211 -20.85 7.89 0.87
N VAL B 212 -21.18 6.66 1.26
CA VAL B 212 -20.84 6.11 2.59
C VAL B 212 -20.07 4.82 2.38
N ASP B 213 -19.04 4.61 3.19
CA ASP B 213 -18.26 3.36 3.11
C ASP B 213 -18.00 2.89 4.53
N GLY B 214 -18.47 1.68 4.86
CA GLY B 214 -18.25 1.21 6.21
C GLY B 214 -16.80 0.81 6.45
N GLY B 215 -16.08 0.47 5.39
CA GLY B 215 -14.68 0.00 5.53
C GLY B 215 -14.64 -1.43 6.08
N THR B 216 -13.47 -1.89 6.51
CA THR B 216 -13.42 -3.20 7.15
C THR B 216 -14.15 -3.21 8.47
N GLY B 217 -14.38 -4.40 9.04
CA GLY B 217 -15.13 -4.48 10.31
C GLY B 217 -16.64 -4.58 10.10
N ASN B 218 -17.37 -4.78 11.18
CA ASN B 218 -18.80 -5.00 11.12
C ASN B 218 -19.48 -3.69 11.40
N ASP B 219 -20.04 -3.11 10.34
CA ASP B 219 -20.57 -1.73 10.38
C ASP B 219 -22.07 -1.69 10.32
N THR B 220 -22.65 -0.64 10.90
CA THR B 220 -24.10 -0.46 10.86
C THR B 220 -24.34 0.91 10.24
N ILE B 221 -25.11 0.93 9.15
CA ILE B 221 -25.39 2.18 8.44
C ILE B 221 -26.88 2.37 8.30
N ILE B 222 -27.39 3.48 8.84
CA ILE B 222 -28.86 3.77 8.74
C ILE B 222 -29.03 5.08 8.01
N ILE B 223 -29.85 5.04 6.94
CA ILE B 223 -30.19 6.26 6.20
C ILE B 223 -31.67 6.46 6.34
N ALA B 224 -32.05 7.55 7.01
CA ALA B 224 -33.46 7.81 7.30
C ALA B 224 -34.19 8.34 6.08
N GLY B 225 -33.51 9.14 5.27
CA GLY B 225 -34.07 9.76 4.06
C GLY B 225 -33.82 8.91 2.82
N LYS B 226 -33.84 9.56 1.67
CA LYS B 226 -33.81 8.90 0.37
C LYS B 226 -32.35 8.69 -0.06
N VAL B 227 -32.12 7.65 -0.86
CA VAL B 227 -30.79 7.34 -1.34
C VAL B 227 -30.68 7.45 -2.87
N SER B 228 -29.84 8.37 -3.30
CA SER B 228 -29.47 8.56 -4.71
C SER B 228 -28.02 8.16 -4.93
N GLY B 229 -27.23 8.17 -3.85
CA GLY B 229 -25.80 7.87 -3.95
C GLY B 229 -25.37 6.42 -3.71
N ASN B 230 -24.19 6.28 -3.12
CA ASN B 230 -23.54 4.97 -2.97
CA ASN B 230 -23.53 4.98 -2.97
C ASN B 230 -23.31 4.59 -1.51
N ILE B 231 -23.65 3.34 -1.16
CA ILE B 231 -23.29 2.78 0.14
C ILE B 231 -22.47 1.51 -0.11
N GLN B 232 -21.30 1.46 0.52
CA GLN B 232 -20.38 0.30 0.46
C GLN B 232 -20.22 -0.21 1.87
N GLY B 233 -20.53 -1.50 2.07
CA GLY B 233 -20.43 -2.11 3.41
C GLY B 233 -19.00 -2.46 3.77
N GLY B 234 -18.20 -2.77 2.75
CA GLY B 234 -16.78 -3.22 2.89
C GLY B 234 -16.75 -4.64 3.37
N THR B 235 -15.56 -5.10 3.73
CA THR B 235 -15.45 -6.41 4.33
C THR B 235 -16.16 -6.43 5.69
N GLY B 236 -16.32 -7.60 6.29
CA GLY B 236 -16.99 -7.67 7.58
C GLY B 236 -18.49 -7.86 7.42
N ASN B 237 -19.19 -8.23 8.50
CA ASN B 237 -20.63 -8.44 8.43
C ASN B 237 -21.33 -7.13 8.73
N ASP B 238 -21.92 -6.53 7.68
CA ASP B 238 -22.49 -5.17 7.76
C ASP B 238 -23.99 -5.21 7.81
N ILE B 239 -24.57 -4.15 8.36
CA ILE B 239 -26.02 -4.01 8.42
C ILE B 239 -26.30 -2.66 7.81
N VAL B 240 -27.11 -2.63 6.74
CA VAL B 240 -27.50 -1.36 6.11
C VAL B 240 -29.03 -1.27 6.18
N ARG B 241 -29.54 -0.16 6.72
CA ARG B 241 -30.99 0.06 6.79
C ARG B 241 -31.35 1.38 6.11
N VAL B 242 -32.31 1.35 5.19
CA VAL B 242 -32.69 2.59 4.48
C VAL B 242 -34.18 2.71 4.61
N GLN B 243 -34.64 3.89 5.04
CA GLN B 243 -35.99 4.03 5.53
C GLN B 243 -36.85 4.78 4.54
N SER B 244 -36.23 5.40 3.54
CA SER B 244 -37.01 6.05 2.50
C SER B 244 -36.64 5.47 1.14
N GLN B 245 -37.18 6.05 0.07
CA GLN B 245 -36.95 5.53 -1.29
C GLN B 245 -35.46 5.39 -1.59
N VAL B 246 -35.11 4.25 -2.18
CA VAL B 246 -33.81 4.04 -2.83
C VAL B 246 -34.02 4.22 -4.33
N TRP B 247 -33.45 5.28 -4.90
CA TRP B 247 -33.73 5.63 -6.29
C TRP B 247 -32.96 4.78 -7.30
N ALA B 248 -33.38 4.82 -8.56
CA ALA B 248 -32.71 4.04 -9.64
C ALA B 248 -31.19 4.23 -9.68
N GLU B 249 -30.75 5.46 -9.39
CA GLU B 249 -29.36 5.90 -9.49
C GLU B 249 -28.49 5.37 -8.35
N ALA B 250 -29.13 4.99 -7.25
CA ALA B 250 -28.42 4.54 -6.05
C ALA B 250 -27.70 3.21 -6.28
N ASN B 251 -26.61 3.00 -5.54
CA ASN B 251 -25.97 1.69 -5.51
C ASN B 251 -25.63 1.31 -4.09
N ILE B 252 -26.00 0.09 -3.72
CA ILE B 252 -25.64 -0.41 -2.41
C ILE B 252 -24.95 -1.73 -2.64
N SER B 253 -23.71 -1.79 -2.20
CA SER B 253 -22.87 -2.97 -2.32
CA SER B 253 -22.89 -2.98 -2.31
C SER B 253 -22.39 -3.34 -0.92
N LEU B 254 -22.68 -4.57 -0.48
CA LEU B 254 -22.43 -4.96 0.90
C LEU B 254 -21.05 -5.53 1.16
N GLY B 255 -20.37 -5.94 0.09
CA GLY B 255 -18.97 -6.43 0.18
C GLY B 255 -18.92 -7.87 0.66
N THR B 256 -17.72 -8.35 0.96
CA THR B 256 -17.59 -9.69 1.56
C THR B 256 -18.24 -9.68 2.92
N GLY B 257 -18.44 -10.88 3.47
CA GLY B 257 -19.15 -11.03 4.73
C GLY B 257 -20.62 -11.36 4.50
N ASP B 258 -21.22 -11.55 5.69
CA ASP B 258 -22.57 -12.07 5.63
C ASP B 258 -23.44 -10.89 5.99
N ASP B 259 -23.97 -10.20 5.01
CA ASP B 259 -24.45 -8.83 5.25
C ASP B 259 -25.96 -8.81 5.28
N VAL B 260 -26.52 -7.72 5.79
CA VAL B 260 -27.99 -7.56 5.89
C VAL B 260 -28.36 -6.20 5.31
N LEU B 261 -29.36 -6.17 4.44
CA LEU B 261 -29.94 -4.93 3.92
C LEU B 261 -31.43 -4.90 4.18
N ILE B 262 -31.84 -3.88 4.94
CA ILE B 262 -33.26 -3.70 5.27
C ILE B 262 -33.71 -2.45 4.55
N VAL B 263 -34.76 -2.62 3.76
CA VAL B 263 -35.23 -1.50 2.97
CA VAL B 263 -35.26 -1.58 2.86
C VAL B 263 -36.71 -1.34 3.29
N GLU B 264 -37.02 -0.19 3.87
CA GLU B 264 -38.35 0.05 4.41
C GLU B 264 -39.32 0.72 3.43
N HIS B 265 -38.80 1.15 2.29
CA HIS B 265 -39.66 1.86 1.33
C HIS B 265 -39.39 1.34 -0.09
N GLU B 266 -39.64 2.16 -1.10
CA GLU B 266 -39.42 1.72 -2.48
C GLU B 266 -37.96 1.37 -2.76
N LEU B 267 -37.75 0.40 -3.63
CA LEU B 267 -36.42 0.01 -4.05
C LEU B 267 -36.27 0.00 -5.58
N HIS B 268 -35.60 1.03 -6.12
CA HIS B 268 -35.40 1.19 -7.55
C HIS B 268 -33.94 1.01 -7.94
N GLY B 269 -33.04 1.17 -6.96
CA GLY B 269 -31.63 1.11 -7.26
C GLY B 269 -31.02 -0.27 -7.31
N THR B 270 -29.71 -0.28 -7.51
CA THR B 270 -28.89 -1.49 -7.64
C THR B 270 -28.45 -1.91 -6.25
N VAL B 271 -28.69 -3.16 -5.91
CA VAL B 271 -28.39 -3.65 -4.58
C VAL B 271 -27.71 -5.00 -4.73
N ALA B 272 -26.64 -5.23 -3.97
CA ALA B 272 -25.92 -6.49 -4.10
C ALA B 272 -25.37 -6.94 -2.77
N GLY B 273 -25.53 -8.22 -2.47
CA GLY B 273 -24.95 -8.77 -1.26
C GLY B 273 -23.48 -9.06 -1.46
N ASN B 274 -23.04 -9.21 -2.72
CA ASN B 274 -21.65 -9.62 -3.05
C ASN B 274 -21.25 -10.96 -2.39
N GLU B 275 -19.96 -11.23 -2.21
CA GLU B 275 -19.61 -12.51 -1.56
C GLU B 275 -20.28 -12.65 -0.22
N GLY B 276 -20.73 -13.87 0.10
CA GLY B 276 -21.19 -14.19 1.43
C GLY B 276 -22.64 -14.58 1.45
N ASP B 277 -23.16 -14.87 2.65
CA ASP B 277 -24.54 -15.35 2.84
C ASP B 277 -25.37 -14.13 3.23
N ASP B 278 -25.96 -13.48 2.22
CA ASP B 278 -26.51 -12.13 2.38
C ASP B 278 -28.01 -12.15 2.37
N SER B 279 -28.60 -11.28 3.19
CA SER B 279 -30.04 -11.20 3.33
C SER B 279 -30.59 -9.82 3.01
N ILE B 280 -31.77 -9.80 2.40
CA ILE B 280 -32.46 -8.54 2.16
C ILE B 280 -33.88 -8.65 2.73
N TYR B 281 -34.33 -7.59 3.40
CA TYR B 281 -35.72 -7.53 3.91
C TYR B 281 -36.43 -6.40 3.14
N LEU B 282 -37.38 -6.76 2.30
CA LEU B 282 -38.18 -5.78 1.60
C LEU B 282 -39.49 -5.53 2.36
N LYS B 283 -39.44 -4.66 3.37
CA LYS B 283 -40.59 -4.42 4.26
C LYS B 283 -41.76 -3.74 3.54
N PHE B 284 -41.46 -3.04 2.44
CA PHE B 284 -42.47 -2.24 1.72
C PHE B 284 -43.27 -3.05 0.68
N TYR B 285 -42.86 -4.30 0.45
CA TYR B 285 -43.43 -5.14 -0.58
C TYR B 285 -43.94 -6.46 0.01
N THR B 286 -45.14 -6.85 -0.41
CA THR B 286 -45.74 -8.11 0.00
C THR B 286 -45.46 -9.16 -1.04
N LYS B 287 -45.67 -10.43 -0.69
CA LYS B 287 -45.48 -11.57 -1.61
C LYS B 287 -46.13 -11.32 -2.97
N GLU B 288 -47.38 -10.85 -2.96
CA GLU B 288 -48.11 -10.64 -4.21
CA GLU B 288 -48.18 -10.54 -4.16
C GLU B 288 -47.50 -9.52 -5.08
N GLN B 289 -46.92 -8.50 -4.44
CA GLN B 289 -46.25 -7.41 -5.18
C GLN B 289 -44.97 -7.95 -5.79
N TYR B 290 -44.09 -8.47 -4.93
CA TYR B 290 -42.91 -9.20 -5.39
C TYR B 290 -43.20 -10.18 -6.56
N ASN B 291 -44.18 -11.06 -6.40
CA ASN B 291 -44.51 -12.09 -7.43
C ASN B 291 -45.04 -11.56 -8.78
N ASN B 292 -45.31 -10.25 -8.85
CA ASN B 292 -45.79 -9.63 -10.09
C ASN B 292 -44.97 -8.40 -10.50
N ASN B 293 -43.73 -8.34 -10.01
CA ASN B 293 -42.77 -7.28 -10.31
C ASN B 293 -41.45 -7.91 -10.70
N SER B 294 -41.28 -8.22 -11.99
CA SER B 294 -40.08 -8.89 -12.47
CA SER B 294 -40.08 -8.88 -12.48
C SER B 294 -38.82 -8.04 -12.31
N ASP B 295 -38.95 -6.71 -12.44
CA ASP B 295 -37.78 -5.80 -12.29
C ASP B 295 -37.25 -5.84 -10.86
N LEU B 296 -38.17 -5.87 -9.89
CA LEU B 296 -37.81 -5.99 -8.47
C LEU B 296 -37.13 -7.32 -8.19
N ARG B 297 -37.72 -8.42 -8.69
CA ARG B 297 -37.15 -9.75 -8.47
C ARG B 297 -35.72 -9.86 -9.00
N ASN B 298 -35.50 -9.28 -10.19
CA ASN B 298 -34.21 -9.31 -10.85
C ASN B 298 -33.19 -8.48 -10.08
N ARG B 299 -33.65 -7.40 -9.46
CA ARG B 299 -32.67 -6.55 -8.75
C ARG B 299 -32.22 -7.15 -7.43
N VAL B 300 -33.03 -8.02 -6.84
CA VAL B 300 -32.69 -8.60 -5.53
C VAL B 300 -32.27 -10.07 -5.62
N ALA B 301 -32.38 -10.64 -6.83
CA ALA B 301 -32.12 -12.04 -7.07
C ALA B 301 -30.76 -12.53 -6.55
N ASN B 302 -29.75 -11.65 -6.56
CA ASN B 302 -28.41 -12.00 -6.09
C ASN B 302 -28.34 -12.31 -4.59
N PHE B 303 -29.37 -11.90 -3.83
CA PHE B 303 -29.36 -12.15 -2.37
C PHE B 303 -29.74 -13.60 -2.07
N GLU B 304 -28.99 -14.23 -1.18
CA GLU B 304 -29.26 -15.60 -0.76
C GLU B 304 -30.57 -15.77 0.00
N HIS B 305 -30.97 -14.76 0.77
CA HIS B 305 -32.17 -14.81 1.60
C HIS B 305 -32.99 -13.54 1.37
N ILE B 306 -34.26 -13.72 1.07
CA ILE B 306 -35.11 -12.60 0.77
C ILE B 306 -36.43 -12.71 1.56
N ARG B 307 -36.66 -11.71 2.40
CA ARG B 307 -37.88 -11.59 3.17
C ARG B 307 -38.70 -10.44 2.60
N VAL B 308 -40.02 -10.67 2.48
CA VAL B 308 -40.95 -9.58 2.17
C VAL B 308 -41.82 -9.21 3.40
N SER B 309 -42.76 -8.29 3.22
CA SER B 309 -43.53 -7.78 4.35
C SER B 309 -44.34 -8.89 5.04
N ASP B 310 -44.77 -9.90 4.27
CA ASP B 310 -45.64 -10.95 4.80
C ASP B 310 -45.11 -12.38 4.66
N GLY B 311 -43.78 -12.52 4.71
CA GLY B 311 -43.17 -13.84 4.69
C GLY B 311 -41.85 -13.89 3.97
N VAL B 312 -41.53 -15.08 3.49
CA VAL B 312 -40.24 -15.38 2.91
C VAL B 312 -40.45 -15.74 1.46
N VAL B 313 -39.60 -15.20 0.59
CA VAL B 313 -39.69 -15.57 -0.84
C VAL B 313 -38.44 -16.30 -1.34
N LYS B 314 -37.36 -16.24 -0.56
CA LYS B 314 -36.13 -16.99 -0.90
C LYS B 314 -35.29 -17.30 0.33
N GLY B 315 -34.77 -18.52 0.41
CA GLY B 315 -33.88 -18.93 1.50
C GLY B 315 -34.56 -18.97 2.85
N SER B 316 -33.77 -18.67 3.88
CA SER B 316 -34.21 -18.71 5.27
CA SER B 316 -34.23 -18.70 5.27
C SER B 316 -33.81 -17.45 6.03
N PRO B 317 -34.27 -16.27 5.59
CA PRO B 317 -33.83 -15.06 6.31
C PRO B 317 -34.28 -15.03 7.80
N ALA B 318 -33.48 -14.39 8.65
CA ALA B 318 -33.89 -14.05 10.02
C ALA B 318 -35.20 -13.23 9.94
N ASP B 319 -35.92 -13.05 11.06
CA ASP B 319 -37.19 -12.29 11.00
C ASP B 319 -37.08 -10.77 11.19
N PHE B 320 -35.91 -10.32 11.67
CA PHE B 320 -35.60 -8.90 11.82
C PHE B 320 -36.67 -8.14 12.60
N ILE C 21 15.58 20.11 7.30
CA ILE C 21 14.46 19.83 6.36
C ILE C 21 13.23 20.65 6.72
N THR C 22 12.68 21.35 5.73
CA THR C 22 11.39 22.04 5.84
C THR C 22 10.37 21.05 5.27
N HIS C 23 9.27 20.80 5.97
CA HIS C 23 8.26 19.88 5.45
C HIS C 23 6.96 20.60 5.07
N SER C 24 6.77 21.82 5.55
CA SER C 24 5.53 22.54 5.27
C SER C 24 5.73 23.77 4.39
N PHE C 25 4.86 23.95 3.39
CA PHE C 25 5.02 25.05 2.44
C PHE C 25 3.68 25.63 2.09
N ASP C 26 3.67 26.90 1.70
CA ASP C 26 2.51 27.44 1.01
C ASP C 26 2.69 27.31 -0.52
N HIS C 27 3.43 28.26 -1.14
CA HIS C 27 3.86 28.12 -2.56
C HIS C 27 5.20 27.36 -2.53
N TYR C 28 5.23 26.13 -3.05
CA TYR C 28 6.46 25.35 -2.96
C TYR C 28 7.28 25.69 -4.20
N ILE C 29 8.46 26.22 -3.98
CA ILE C 29 9.34 26.62 -5.09
C ILE C 29 10.72 25.91 -4.99
N GLY C 30 10.75 24.76 -4.30
CA GLY C 30 11.94 23.91 -4.29
C GLY C 30 12.53 23.76 -2.92
N SER C 31 12.90 22.54 -2.55
CA SER C 31 13.50 22.26 -1.26
C SER C 31 14.10 20.85 -1.23
N ALA C 32 15.09 20.57 -0.37
CA ALA C 32 15.67 19.21 -0.27
C ALA C 32 15.05 18.31 0.84
N PHE C 33 14.80 17.05 0.51
CA PHE C 33 14.29 16.07 1.47
C PHE C 33 15.38 15.02 1.66
N ASP C 34 15.07 13.85 2.21
CA ASP C 34 16.11 12.88 2.57
C ASP C 34 15.55 11.48 2.70
N ALA C 35 16.35 10.53 3.18
CA ALA C 35 15.98 9.09 3.27
C ALA C 35 15.02 8.75 4.42
N SER C 36 14.75 9.72 5.29
CA SER C 36 13.75 9.45 6.32
C SER C 36 12.35 9.53 5.72
N ASN C 37 11.34 9.18 6.54
CA ASN C 37 9.95 9.32 6.11
C ASN C 37 9.50 10.78 6.22
N ASN C 38 9.37 11.45 5.07
CA ASN C 38 9.05 12.89 5.02
C ASN C 38 7.53 13.09 4.92
N ASN C 39 7.01 13.98 5.77
CA ASN C 39 5.59 14.35 5.82
C ASN C 39 5.41 15.76 5.20
N VAL C 40 5.28 15.80 3.87
CA VAL C 40 5.33 17.11 3.17
C VAL C 40 3.89 17.64 3.00
N ALA C 41 3.69 18.91 3.36
CA ALA C 41 2.40 19.55 3.11
C ALA C 41 2.64 20.83 2.37
N VAL C 42 1.94 20.99 1.24
CA VAL C 42 1.97 22.20 0.40
C VAL C 42 0.54 22.75 0.20
N THR C 43 0.28 23.95 0.73
CA THR C 43 -1.09 24.51 0.62
C THR C 43 -1.42 25.14 -0.72
N GLY C 44 -0.36 25.45 -1.46
CA GLY C 44 -0.49 26.15 -2.76
C GLY C 44 -0.06 25.24 -3.89
N ASN C 45 0.64 25.79 -4.88
CA ASN C 45 1.08 24.99 -6.05
C ASN C 45 2.49 24.47 -5.86
N VAL C 46 2.87 23.42 -6.61
CA VAL C 46 4.25 22.92 -6.63
C VAL C 46 4.91 23.42 -7.94
N SER C 47 5.87 24.33 -7.81
CA SER C 47 6.40 25.07 -8.96
C SER C 47 7.86 24.71 -9.20
N ALA C 48 8.33 23.61 -8.62
CA ALA C 48 9.73 23.19 -8.73
C ALA C 48 9.76 21.70 -8.53
N THR C 49 10.89 21.04 -8.85
CA THR C 49 10.95 19.57 -8.60
C THR C 49 10.84 19.29 -7.10
N LEU C 50 10.15 18.19 -6.79
CA LEU C 50 9.95 17.76 -5.40
C LEU C 50 10.30 16.28 -5.32
N ASN C 51 11.43 15.96 -4.72
CA ASN C 51 11.90 14.58 -4.64
C ASN C 51 12.03 14.09 -3.21
N VAL C 52 11.09 13.24 -2.75
CA VAL C 52 11.12 12.82 -1.34
C VAL C 52 11.97 11.56 -1.07
N LEU C 53 12.56 11.01 -2.12
CA LEU C 53 13.66 10.04 -1.96
C LEU C 53 13.26 8.76 -1.19
N ALA C 54 14.19 8.09 -0.49
CA ALA C 54 13.84 6.88 0.22
C ALA C 54 12.96 7.15 1.48
N GLY C 55 12.44 6.09 2.07
CA GLY C 55 11.49 6.24 3.19
C GLY C 55 10.04 6.12 2.67
N ASP C 56 9.10 5.82 3.57
CA ASP C 56 7.65 5.81 3.24
C ASP C 56 7.13 7.24 3.44
N ASP C 57 7.19 8.04 2.37
CA ASP C 57 6.91 9.50 2.46
C ASP C 57 5.44 9.81 2.19
N LYS C 58 4.96 10.90 2.78
CA LYS C 58 3.63 11.34 2.49
C LYS C 58 3.73 12.76 1.97
N VAL C 59 3.17 12.97 0.79
CA VAL C 59 3.06 14.31 0.19
C VAL C 59 1.60 14.72 -0.09
N SER C 60 1.18 15.89 0.43
CA SER C 60 -0.18 16.38 0.28
CA SER C 60 -0.18 16.38 0.24
C SER C 60 -0.10 17.80 -0.28
N ILE C 61 -0.74 18.02 -1.44
CA ILE C 61 -0.67 19.29 -2.22
C ILE C 61 -2.06 19.79 -2.50
N ASP C 62 -2.39 20.99 -2.03
CA ASP C 62 -3.76 21.50 -2.27
C ASP C 62 -3.91 22.19 -3.61
N GLY C 63 -2.80 22.53 -4.25
CA GLY C 63 -2.86 23.19 -5.56
C GLY C 63 -2.54 22.18 -6.62
N ASN C 64 -1.77 22.63 -7.60
CA ASN C 64 -1.41 21.82 -8.78
C ASN C 64 0.05 21.43 -8.71
N VAL C 65 0.39 20.30 -9.35
CA VAL C 65 1.79 20.01 -9.65
C VAL C 65 2.03 20.66 -11.01
N GLU C 66 2.88 21.67 -11.05
CA GLU C 66 3.00 22.45 -12.27
C GLU C 66 3.95 21.82 -13.29
N ASP C 67 3.85 22.31 -14.52
CA ASP C 67 4.69 21.88 -15.63
C ASP C 67 6.08 22.48 -15.47
N VAL C 68 6.81 22.05 -14.44
CA VAL C 68 8.15 22.60 -14.24
C VAL C 68 9.07 22.04 -15.32
N LEU C 69 9.88 22.92 -15.88
CA LEU C 69 10.73 22.59 -17.01
C LEU C 69 11.86 21.69 -16.53
N VAL C 70 11.86 20.44 -17.05
CA VAL C 70 12.88 19.42 -16.73
C VAL C 70 13.19 18.62 -18.00
N ALA C 71 14.30 17.89 -17.98
CA ALA C 71 14.70 17.02 -19.12
C ALA C 71 13.61 16.01 -19.50
N ALA C 72 13.79 15.35 -20.66
CA ALA C 72 12.84 14.37 -21.12
C ALA C 72 12.73 13.29 -20.05
N ASN C 73 11.49 12.86 -19.84
CA ASN C 73 11.17 11.77 -18.93
C ASN C 73 11.63 11.93 -17.46
N VAL C 74 12.15 13.10 -17.06
CA VAL C 74 12.50 13.37 -15.66
C VAL C 74 11.23 13.68 -14.84
N ALA C 75 11.04 13.06 -13.68
CA ALA C 75 9.92 13.41 -12.82
C ALA C 75 9.97 14.84 -12.23
N VAL C 76 8.85 15.53 -12.24
CA VAL C 76 8.75 16.78 -11.51
C VAL C 76 8.58 16.42 -10.02
N LEU C 77 7.69 15.47 -9.74
CA LEU C 77 7.46 14.97 -8.38
C LEU C 77 7.82 13.47 -8.32
N ASP C 78 8.88 13.17 -7.57
CA ASP C 78 9.41 11.79 -7.44
C ASP C 78 9.25 11.28 -5.98
N MET C 79 8.51 10.21 -5.79
CA MET C 79 8.19 9.74 -4.40
C MET C 79 9.31 8.78 -3.96
N GLY C 80 10.05 8.28 -4.91
CA GLY C 80 11.21 7.43 -4.67
C GLY C 80 10.86 6.02 -4.22
N THR C 81 11.84 5.31 -3.68
CA THR C 81 11.59 4.00 -3.07
C THR C 81 10.74 4.21 -1.79
N GLY C 82 10.28 3.13 -1.21
CA GLY C 82 9.34 3.20 -0.10
C GLY C 82 7.89 3.13 -0.59
N ASN C 83 6.99 2.86 0.34
CA ASN C 83 5.54 2.80 0.05
C ASN C 83 5.03 4.19 0.34
N ASP C 84 4.94 4.99 -0.71
CA ASP C 84 4.66 6.42 -0.57
C ASP C 84 3.19 6.76 -0.77
N GLN C 85 2.75 7.86 -0.19
CA GLN C 85 1.37 8.28 -0.32
C GLN C 85 1.29 9.72 -0.82
N LEU C 86 0.54 9.91 -1.90
CA LEU C 86 0.50 11.24 -2.56
C LEU C 86 -0.94 11.69 -2.73
N TYR C 87 -1.21 12.93 -2.29
CA TYR C 87 -2.52 13.57 -2.51
C TYR C 87 -2.29 14.89 -3.24
N VAL C 88 -3.02 15.07 -4.34
CA VAL C 88 -3.03 16.33 -5.12
C VAL C 88 -4.49 16.77 -5.31
N ALA C 89 -4.88 17.92 -4.75
CA ALA C 89 -6.27 18.39 -4.80
C ALA C 89 -6.55 19.07 -6.13
N GLY C 90 -5.49 19.59 -6.76
CA GLY C 90 -5.57 20.26 -8.08
C GLY C 90 -5.28 19.33 -9.25
N ASP C 91 -4.63 19.87 -10.28
CA ASP C 91 -4.29 19.11 -11.48
C ASP C 91 -2.81 18.74 -11.44
N VAL C 92 -2.44 17.73 -12.23
CA VAL C 92 -1.03 17.39 -12.39
C VAL C 92 -0.56 17.70 -13.80
N LEU C 93 0.36 18.67 -13.91
CA LEU C 93 0.82 19.15 -15.20
C LEU C 93 2.28 18.81 -15.42
N GLY C 94 2.90 18.19 -14.42
CA GLY C 94 4.29 17.76 -14.55
C GLY C 94 4.37 16.29 -14.14
N LYS C 95 5.41 15.59 -14.61
CA LYS C 95 5.45 14.11 -14.47
C LYS C 95 5.60 13.67 -12.99
N ILE C 96 4.86 12.62 -12.64
CA ILE C 96 4.92 12.00 -11.28
C ILE C 96 5.62 10.64 -11.46
N ASP C 97 6.60 10.33 -10.62
CA ASP C 97 7.14 8.97 -10.56
C ASP C 97 7.00 8.51 -9.12
N ALA C 98 6.18 7.50 -8.89
CA ALA C 98 5.98 7.00 -7.51
C ALA C 98 7.06 6.03 -7.05
N GLY C 99 7.88 5.56 -7.97
CA GLY C 99 9.01 4.67 -7.63
C GLY C 99 8.66 3.25 -7.27
N THR C 100 9.65 2.52 -6.78
CA THR C 100 9.40 1.19 -6.24
C THR C 100 8.48 1.30 -5.00
N GLY C 101 7.96 0.19 -4.51
CA GLY C 101 7.10 0.27 -3.33
C GLY C 101 5.65 0.30 -3.75
N ASN C 102 4.78 -0.06 -2.81
CA ASN C 102 3.35 -0.10 -3.02
C ASN C 102 2.80 1.29 -2.68
N ASP C 103 2.69 2.10 -3.73
CA ASP C 103 2.36 3.51 -3.57
C ASP C 103 0.87 3.81 -3.75
N GLU C 104 0.40 4.85 -3.08
CA GLU C 104 -0.99 5.26 -3.23
CA GLU C 104 -1.03 5.30 -3.17
C GLU C 104 -1.00 6.70 -3.67
N ILE C 105 -1.70 6.95 -4.80
CA ILE C 105 -1.76 8.26 -5.46
C ILE C 105 -3.23 8.62 -5.63
N TYR C 106 -3.58 9.82 -5.16
CA TYR C 106 -4.92 10.34 -5.26
C TYR C 106 -4.81 11.77 -5.80
N ILE C 107 -5.25 11.91 -7.04
CA ILE C 107 -5.25 13.20 -7.74
C ILE C 107 -6.71 13.57 -8.03
N LYS C 108 -7.17 14.70 -7.51
CA LYS C 108 -8.59 15.02 -7.63
C LYS C 108 -8.89 15.55 -9.04
N GLY C 109 -7.94 16.30 -9.59
CA GLY C 109 -8.14 16.99 -10.85
C GLY C 109 -7.68 16.24 -12.09
N ASP C 110 -7.33 17.03 -13.11
CA ASP C 110 -6.99 16.45 -14.41
C ASP C 110 -5.52 16.14 -14.42
N VAL C 111 -5.11 15.22 -15.29
CA VAL C 111 -3.69 14.87 -15.40
C VAL C 111 -3.25 15.01 -16.82
N SER C 112 -2.26 15.85 -17.05
CA SER C 112 -1.81 16.11 -18.40
C SER C 112 -0.33 15.83 -18.62
N ALA C 113 0.31 15.14 -17.68
CA ALA C 113 1.72 14.78 -17.82
C ALA C 113 1.84 13.29 -17.48
N ALA C 114 3.01 12.69 -17.68
CA ALA C 114 3.24 11.25 -17.41
C ALA C 114 3.05 10.89 -15.93
N VAL C 115 2.56 9.70 -15.66
CA VAL C 115 2.51 9.20 -14.30
C VAL C 115 3.05 7.78 -14.34
N ASP C 116 4.22 7.59 -13.74
CA ASP C 116 4.78 6.23 -13.57
C ASP C 116 4.60 5.72 -12.14
N ALA C 117 3.83 4.63 -11.95
CA ALA C 117 3.58 4.16 -10.59
C ALA C 117 4.70 3.17 -10.16
N GLY C 118 5.45 2.66 -11.12
CA GLY C 118 6.63 1.84 -10.83
C GLY C 118 6.34 0.41 -10.45
N THR C 119 7.33 -0.29 -9.94
CA THR C 119 7.11 -1.63 -9.39
C THR C 119 6.25 -1.51 -8.10
N GLY C 120 5.77 -2.61 -7.62
CA GLY C 120 4.90 -2.56 -6.43
C GLY C 120 3.43 -2.55 -6.86
N ASN C 121 2.56 -2.93 -5.94
CA ASN C 121 1.12 -2.94 -6.14
C ASN C 121 0.55 -1.58 -5.80
N ASP C 122 0.40 -0.76 -6.82
CA ASP C 122 0.10 0.65 -6.62
C ASP C 122 -1.36 0.92 -6.77
N GLU C 123 -1.83 1.91 -6.04
CA GLU C 123 -3.23 2.37 -6.11
CA GLU C 123 -3.21 2.35 -6.17
C GLU C 123 -3.21 3.77 -6.69
N VAL C 124 -3.92 3.97 -7.82
CA VAL C 124 -3.92 5.29 -8.48
C VAL C 124 -5.34 5.72 -8.72
N TYR C 125 -5.70 6.92 -8.25
CA TYR C 125 -6.98 7.52 -8.51
C TYR C 125 -6.75 8.87 -9.12
N ILE C 126 -7.40 9.10 -10.28
CA ILE C 126 -7.38 10.41 -10.95
C ILE C 126 -8.83 10.78 -11.18
N GLY C 127 -9.28 11.87 -10.55
CA GLY C 127 -10.68 12.27 -10.60
C GLY C 127 -11.11 12.82 -11.94
N GLY C 128 -10.18 13.47 -12.63
CA GLY C 128 -10.45 14.18 -13.89
C GLY C 128 -10.09 13.34 -15.09
N ASN C 129 -9.70 14.00 -16.18
CA ASN C 129 -9.34 13.29 -17.41
C ASN C 129 -7.85 13.03 -17.39
N LEU C 130 -7.45 11.97 -18.06
CA LEU C 130 -6.07 11.57 -18.16
C LEU C 130 -5.58 11.84 -19.57
N SER C 131 -4.71 12.84 -19.68
CA SER C 131 -4.16 13.29 -20.96
C SER C 131 -2.66 13.12 -21.06
N GLY C 132 -2.06 12.56 -20.02
CA GLY C 132 -0.67 12.17 -20.02
C GLY C 132 -0.61 10.66 -20.05
N ASP C 133 0.54 10.11 -20.42
CA ASP C 133 0.69 8.67 -20.47
C ASP C 133 0.89 8.08 -19.06
N LEU C 134 0.04 7.14 -18.66
CA LEU C 134 0.17 6.53 -17.35
C LEU C 134 0.76 5.13 -17.52
N ASP C 135 1.78 4.82 -16.73
CA ASP C 135 2.38 3.47 -16.65
C ASP C 135 2.29 2.98 -15.20
N ALA C 136 1.43 1.99 -14.96
CA ALA C 136 1.19 1.47 -13.56
C ALA C 136 2.35 0.56 -13.15
N GLY C 137 3.18 0.16 -14.15
CA GLY C 137 4.37 -0.63 -13.86
C GLY C 137 4.08 -2.09 -13.51
N THR C 138 5.08 -2.77 -13.01
CA THR C 138 4.94 -4.18 -12.65
C THR C 138 4.04 -4.30 -11.40
N ASP C 139 3.70 -5.54 -11.09
CA ASP C 139 2.87 -5.85 -9.93
C ASP C 139 1.40 -5.47 -10.11
N ASN C 140 0.60 -5.70 -9.07
CA ASN C 140 -0.86 -5.79 -9.24
C ASN C 140 -1.47 -4.45 -8.91
N ASP C 141 -1.67 -3.64 -9.94
CA ASP C 141 -2.10 -2.27 -9.68
C ASP C 141 -3.60 -2.07 -9.77
N ASN C 142 -4.08 -1.08 -9.02
CA ASN C 142 -5.49 -0.67 -9.11
C ASN C 142 -5.59 0.78 -9.59
N ILE C 143 -6.28 1.00 -10.73
CA ILE C 143 -6.23 2.33 -11.39
C ILE C 143 -7.63 2.79 -11.61
N GLN C 144 -7.96 3.99 -11.18
CA GLN C 144 -9.30 4.51 -11.48
C GLN C 144 -9.22 5.91 -12.04
N ILE C 145 -9.87 6.14 -13.19
CA ILE C 145 -9.83 7.44 -13.86
C ILE C 145 -11.28 7.89 -13.87
N GLY C 146 -11.56 9.03 -13.27
CA GLY C 146 -12.94 9.51 -13.23
C GLY C 146 -13.53 9.93 -14.57
N GLY C 147 -12.70 10.56 -15.41
CA GLY C 147 -13.11 11.07 -16.71
C GLY C 147 -12.69 10.20 -17.91
N ASP C 148 -12.10 10.84 -18.92
CA ASP C 148 -11.69 10.18 -20.16
C ASP C 148 -10.21 9.75 -20.08
N VAL C 149 -9.85 8.74 -20.87
CA VAL C 149 -8.46 8.41 -21.09
C VAL C 149 -8.10 8.83 -22.51
N ASN C 150 -7.26 9.86 -22.62
CA ASN C 150 -6.92 10.45 -23.90
C ASN C 150 -5.55 10.08 -24.43
N ALA C 151 -4.72 9.44 -23.61
CA ALA C 151 -3.36 9.13 -24.02
C ALA C 151 -3.11 7.68 -23.66
N ALA C 152 -1.85 7.27 -23.54
CA ALA C 152 -1.54 5.88 -23.22
C ALA C 152 -1.88 5.57 -21.77
N LEU C 153 -2.45 4.40 -21.53
CA LEU C 153 -2.63 3.92 -20.16
C LEU C 153 -2.14 2.47 -20.14
N ASN C 154 -0.89 2.30 -19.71
CA ASN C 154 -0.27 0.98 -19.65
C ASN C 154 -0.28 0.42 -18.22
N ALA C 155 -0.92 -0.72 -18.03
CA ALA C 155 -1.12 -1.24 -16.66
C ALA C 155 0.06 -2.13 -16.30
N GLY C 156 0.78 -2.55 -17.32
CA GLY C 156 2.05 -3.31 -17.15
C GLY C 156 1.88 -4.78 -16.81
N THR C 157 2.96 -5.41 -16.39
CA THR C 157 2.85 -6.80 -15.95
C THR C 157 2.08 -6.78 -14.63
N GLY C 158 1.75 -7.96 -14.16
CA GLY C 158 0.91 -8.03 -12.97
C GLY C 158 -0.58 -8.00 -13.28
N ASN C 159 -1.37 -8.39 -12.30
CA ASN C 159 -2.82 -8.53 -12.46
C ASN C 159 -3.46 -7.20 -12.10
N ASP C 160 -3.85 -6.44 -13.13
CA ASP C 160 -4.24 -5.04 -12.93
C ASP C 160 -5.72 -4.83 -13.08
N ASN C 161 -6.25 -3.94 -12.24
CA ASN C 161 -7.68 -3.57 -12.29
C ASN C 161 -7.79 -2.10 -12.71
N LEU C 162 -8.67 -1.84 -13.67
CA LEU C 162 -8.79 -0.48 -14.17
C LEU C 162 -10.26 -0.12 -14.32
N ILE C 163 -10.63 1.02 -13.79
CA ILE C 163 -12.00 1.59 -13.97
C ILE C 163 -11.83 2.95 -14.62
N ILE C 164 -12.49 3.15 -15.76
CA ILE C 164 -12.54 4.45 -16.45
C ILE C 164 -14.01 4.92 -16.42
N GLY C 165 -14.25 6.13 -15.92
CA GLY C 165 -15.61 6.61 -15.76
C GLY C 165 -16.27 6.95 -17.09
N HIS C 166 -15.51 7.55 -18.00
CA HIS C 166 -16.07 8.04 -19.29
C HIS C 166 -15.48 7.31 -20.53
N ASP C 167 -14.93 8.07 -21.47
CA ASP C 167 -14.46 7.51 -22.73
C ASP C 167 -13.02 7.03 -22.78
N VAL C 168 -12.71 6.25 -23.81
CA VAL C 168 -11.31 6.00 -24.13
C VAL C 168 -11.03 6.48 -25.54
N SER C 169 -10.17 7.51 -25.66
CA SER C 169 -9.69 7.98 -26.97
C SER C 169 -8.24 7.61 -27.18
N GLY C 170 -7.53 7.25 -26.09
CA GLY C 170 -6.12 6.88 -26.18
C GLY C 170 -5.99 5.38 -26.28
N ILE C 171 -4.77 4.86 -26.07
CA ILE C 171 -4.52 3.41 -26.13
C ILE C 171 -4.32 2.82 -24.70
N VAL C 172 -5.29 2.05 -24.25
CA VAL C 172 -5.19 1.33 -22.96
C VAL C 172 -4.54 0.00 -23.30
N ASN C 173 -3.44 -0.32 -22.63
CA ASN C 173 -2.81 -1.64 -22.79
C ASN C 173 -2.63 -2.24 -21.41
N MET C 174 -3.32 -3.34 -21.16
CA MET C 174 -3.31 -3.87 -19.79
C MET C 174 -2.09 -4.74 -19.50
N GLY C 175 -1.31 -5.05 -20.52
CA GLY C 175 -0.07 -5.82 -20.35
C GLY C 175 -0.30 -7.27 -19.94
N THR C 176 0.74 -7.93 -19.49
CA THR C 176 0.66 -9.36 -19.18
C THR C 176 -0.12 -9.60 -17.90
N ASP C 177 -0.35 -10.88 -17.60
CA ASP C 177 -1.14 -11.27 -16.42
C ASP C 177 -2.62 -10.89 -16.58
N ASN C 178 -3.41 -11.18 -15.56
CA ASN C 178 -4.85 -11.26 -15.74
C ASN C 178 -5.46 -9.96 -15.32
N ASP C 179 -5.93 -9.21 -16.31
CA ASP C 179 -6.36 -7.83 -16.09
C ASP C 179 -7.86 -7.68 -16.18
N THR C 180 -8.39 -6.66 -15.52
CA THR C 180 -9.85 -6.43 -15.45
C THR C 180 -10.07 -4.96 -15.77
N VAL C 181 -10.94 -4.67 -16.73
CA VAL C 181 -11.13 -3.29 -17.20
C VAL C 181 -12.65 -2.99 -17.30
N GLU C 182 -13.05 -1.85 -16.78
CA GLU C 182 -14.40 -1.38 -17.01
C GLU C 182 -14.35 0.06 -17.62
N VAL C 183 -15.03 0.25 -18.77
CA VAL C 183 -15.13 1.57 -19.41
C VAL C 183 -16.58 2.01 -19.24
N GLY C 184 -16.78 3.12 -18.54
CA GLY C 184 -18.12 3.58 -18.20
C GLY C 184 -18.90 4.06 -19.40
N ARG C 185 -18.20 4.61 -20.41
CA ARG C 185 -18.81 5.17 -21.62
C ARG C 185 -18.19 4.52 -22.87
N THR C 186 -17.68 5.29 -23.81
CA THR C 186 -17.41 4.79 -25.15
C THR C 186 -15.93 4.69 -25.47
N ILE C 187 -15.56 3.64 -26.19
CA ILE C 187 -14.26 3.58 -26.87
C ILE C 187 -14.41 4.29 -28.22
N ASN C 188 -13.94 5.52 -28.29
CA ASN C 188 -14.03 6.30 -29.53
C ASN C 188 -13.20 5.71 -30.68
N ALA C 189 -13.41 6.21 -31.90
CA ALA C 189 -12.70 5.71 -33.09
C ALA C 189 -11.18 5.54 -32.91
N SER C 190 -10.57 6.53 -32.24
CA SER C 190 -9.13 6.54 -32.02
C SER C 190 -8.70 5.64 -30.85
N GLY C 191 -9.65 5.23 -30.02
CA GLY C 191 -9.33 4.57 -28.77
C GLY C 191 -9.17 3.09 -28.95
N LYS C 192 -8.35 2.48 -28.10
CA LYS C 192 -8.19 1.01 -28.11
C LYS C 192 -8.13 0.47 -26.68
N VAL C 193 -8.59 -0.76 -26.47
CA VAL C 193 -8.27 -1.43 -25.22
C VAL C 193 -7.61 -2.75 -25.66
N LEU C 194 -6.33 -2.87 -25.30
CA LEU C 194 -5.52 -4.06 -25.62
C LEU C 194 -5.31 -4.80 -24.30
N LEU C 195 -5.82 -6.02 -24.21
CA LEU C 195 -5.76 -6.69 -22.95
C LEU C 195 -4.49 -7.48 -22.78
N ASP C 196 -3.84 -7.82 -23.90
CA ASP C 196 -2.51 -8.43 -23.96
C ASP C 196 -2.53 -9.86 -23.41
N THR C 197 -1.42 -10.40 -22.95
CA THR C 197 -1.42 -11.82 -22.55
C THR C 197 -2.16 -11.98 -21.20
N GLY C 198 -2.48 -13.21 -20.85
CA GLY C 198 -3.21 -13.47 -19.61
C GLY C 198 -4.71 -13.59 -19.92
N ASP C 199 -5.46 -13.96 -18.85
CA ASP C 199 -6.87 -14.15 -19.03
C ASP C 199 -7.53 -12.85 -18.61
N ASP C 200 -8.02 -12.06 -19.52
CA ASP C 200 -8.49 -10.74 -19.20
C ASP C 200 -9.99 -10.56 -19.34
N SER C 201 -10.52 -9.49 -18.72
CA SER C 201 -11.91 -9.16 -18.92
CA SER C 201 -11.94 -9.15 -18.80
C SER C 201 -12.11 -7.68 -19.10
N LEU C 202 -13.13 -7.35 -19.89
CA LEU C 202 -13.39 -5.97 -20.25
C LEU C 202 -14.91 -5.83 -20.34
N LEU C 203 -15.41 -4.78 -19.72
CA LEU C 203 -16.80 -4.40 -19.88
C LEU C 203 -16.78 -2.98 -20.42
N VAL C 204 -17.49 -2.75 -21.52
CA VAL C 204 -17.61 -1.41 -22.09
C VAL C 204 -19.10 -1.10 -21.99
N SER C 205 -19.44 -0.11 -21.16
CA SER C 205 -20.87 0.18 -20.91
C SER C 205 -21.47 1.06 -21.99
N GLY C 206 -20.63 1.75 -22.75
CA GLY C 206 -21.11 2.55 -23.89
C GLY C 206 -20.85 1.80 -25.20
N ASP C 207 -20.48 2.54 -26.23
CA ASP C 207 -20.33 1.97 -27.58
C ASP C 207 -18.89 1.64 -27.91
N LEU C 208 -18.67 0.84 -28.96
CA LEU C 208 -17.33 0.62 -29.47
C LEU C 208 -17.15 1.15 -30.89
N PHE C 209 -16.53 2.33 -31.02
CA PHE C 209 -16.12 2.83 -32.34
C PHE C 209 -14.69 2.48 -32.66
N GLY C 210 -13.84 2.38 -31.62
CA GLY C 210 -12.45 1.97 -31.79
C GLY C 210 -12.23 0.47 -31.83
N GLU C 211 -11.19 0.02 -31.12
CA GLU C 211 -10.78 -1.37 -31.16
C GLU C 211 -10.55 -1.98 -29.79
N VAL C 212 -10.85 -3.27 -29.71
CA VAL C 212 -10.57 -4.10 -28.53
C VAL C 212 -9.81 -5.32 -29.02
N ASP C 213 -8.75 -5.69 -28.31
CA ASP C 213 -7.99 -6.92 -28.62
C ASP C 213 -7.83 -7.65 -27.28
N GLY C 214 -8.34 -8.86 -27.20
CA GLY C 214 -8.17 -9.66 -25.99
C GLY C 214 -6.75 -10.13 -25.81
N GLY C 215 -6.03 -10.30 -26.91
CA GLY C 215 -4.66 -10.79 -26.83
C GLY C 215 -4.65 -12.31 -26.62
N THR C 216 -3.49 -12.85 -26.25
CA THR C 216 -3.46 -14.28 -25.98
C THR C 216 -4.21 -14.51 -24.65
N GLY C 217 -4.43 -15.77 -24.29
CA GLY C 217 -5.19 -16.05 -23.05
C GLY C 217 -6.69 -16.13 -23.31
N ASN C 218 -7.44 -16.56 -22.29
CA ASN C 218 -8.88 -16.75 -22.44
C ASN C 218 -9.57 -15.54 -21.90
N ASP C 219 -10.08 -14.72 -22.80
CA ASP C 219 -10.56 -13.39 -22.47
C ASP C 219 -12.07 -13.32 -22.52
N THR C 220 -12.63 -12.37 -21.76
CA THR C 220 -14.07 -12.12 -21.77
C THR C 220 -14.24 -10.64 -22.15
N ILE C 221 -15.04 -10.36 -23.16
CA ILE C 221 -15.23 -9.01 -23.64
C ILE C 221 -16.74 -8.79 -23.77
N ILE C 222 -17.23 -7.78 -23.04
CA ILE C 222 -18.66 -7.43 -23.08
C ILE C 222 -18.79 -5.99 -23.52
N ILE C 223 -19.58 -5.75 -24.56
CA ILE C 223 -19.85 -4.40 -25.04
C ILE C 223 -21.36 -4.22 -24.87
N ALA C 224 -21.79 -3.33 -23.98
CA ALA C 224 -23.21 -3.14 -23.72
C ALA C 224 -23.85 -2.36 -24.86
N GLY C 225 -23.08 -1.44 -25.46
CA GLY C 225 -23.60 -0.53 -26.49
C GLY C 225 -23.37 -1.09 -27.88
N LYS C 226 -23.30 -0.21 -28.87
CA LYS C 226 -23.30 -0.60 -30.26
C LYS C 226 -21.86 -0.76 -30.73
N VAL C 227 -21.66 -1.61 -31.73
CA VAL C 227 -20.33 -1.83 -32.27
C VAL C 227 -20.20 -1.43 -33.76
N SER C 228 -19.34 -0.43 -34.01
N SER C 228 -19.33 -0.46 -34.03
CA SER C 228 -18.92 -0.05 -35.36
CA SER C 228 -18.92 -0.18 -35.41
C SER C 228 -17.46 -0.42 -35.61
C SER C 228 -17.43 -0.43 -35.63
N GLY C 229 -16.69 -0.58 -34.52
CA GLY C 229 -15.28 -0.87 -34.60
C GLY C 229 -14.94 -2.34 -34.69
N ASN C 230 -13.76 -2.68 -34.18
CA ASN C 230 -13.19 -4.03 -34.28
C ASN C 230 -12.95 -4.68 -32.93
N ILE C 231 -13.33 -5.96 -32.86
CA ILE C 231 -13.01 -6.79 -31.70
C ILE C 231 -12.18 -7.94 -32.23
N GLN C 232 -11.02 -8.15 -31.60
CA GLN C 232 -10.19 -9.32 -31.79
C GLN C 232 -10.12 -10.11 -30.46
N GLY C 233 -10.54 -11.37 -30.50
CA GLY C 233 -10.36 -12.29 -29.39
C GLY C 233 -8.91 -12.64 -29.10
N GLY C 234 -8.11 -12.81 -30.15
CA GLY C 234 -6.73 -13.34 -30.01
C GLY C 234 -6.67 -14.85 -29.89
N THR C 235 -5.51 -15.40 -29.60
CA THR C 235 -5.44 -16.82 -29.30
C THR C 235 -6.12 -17.07 -27.98
N GLY C 236 -6.24 -18.33 -27.57
CA GLY C 236 -7.00 -18.61 -26.34
C GLY C 236 -8.49 -18.78 -26.68
N ASN C 237 -9.24 -19.26 -25.71
CA ASN C 237 -10.68 -19.50 -25.83
C ASN C 237 -11.38 -18.33 -25.23
N ASP C 238 -11.97 -17.52 -26.11
CA ASP C 238 -12.52 -16.22 -25.72
C ASP C 238 -14.04 -16.19 -25.75
N ILE C 239 -14.64 -15.32 -24.93
CA ILE C 239 -16.08 -15.09 -24.98
C ILE C 239 -16.27 -13.61 -25.25
N VAL C 240 -17.09 -13.29 -26.25
CA VAL C 240 -17.36 -11.90 -26.59
C VAL C 240 -18.87 -11.80 -26.59
N ARG C 241 -19.38 -10.81 -25.85
CA ARG C 241 -20.81 -10.56 -25.81
C ARG C 241 -21.07 -9.14 -26.23
N VAL C 242 -21.96 -8.96 -27.22
CA VAL C 242 -22.35 -7.63 -27.70
C VAL C 242 -23.87 -7.49 -27.47
N GLN C 243 -24.28 -6.46 -26.72
CA GLN C 243 -25.67 -6.34 -26.29
C GLN C 243 -26.53 -5.43 -27.14
N SER C 244 -25.91 -4.63 -28.00
CA SER C 244 -26.69 -3.78 -28.94
C SER C 244 -26.27 -4.11 -30.38
N GLN C 245 -26.71 -3.28 -31.32
CA GLN C 245 -26.43 -3.52 -32.75
C GLN C 245 -24.94 -3.62 -33.08
N VAL C 246 -24.59 -4.58 -33.91
CA VAL C 246 -23.30 -4.63 -34.58
C VAL C 246 -23.53 -4.12 -36.00
N TRP C 247 -23.00 -2.93 -36.30
CA TRP C 247 -23.20 -2.31 -37.60
C TRP C 247 -22.32 -2.94 -38.68
N ALA C 248 -22.67 -2.63 -39.93
CA ALA C 248 -22.07 -3.27 -41.12
C ALA C 248 -20.56 -3.15 -41.17
N GLU C 249 -20.08 -2.01 -40.64
CA GLU C 249 -18.67 -1.61 -40.69
CA GLU C 249 -18.66 -1.64 -40.71
C GLU C 249 -17.84 -2.39 -39.66
N ALA C 250 -18.53 -3.01 -38.71
CA ALA C 250 -17.86 -3.73 -37.61
C ALA C 250 -17.20 -5.02 -38.05
N ASN C 251 -16.10 -5.36 -37.39
CA ASN C 251 -15.52 -6.70 -37.49
C ASN C 251 -15.29 -7.32 -36.15
N ILE C 252 -15.77 -8.56 -35.96
CA ILE C 252 -15.52 -9.30 -34.75
C ILE C 252 -14.87 -10.60 -35.18
N SER C 253 -13.63 -10.77 -34.73
CA SER C 253 -12.80 -11.90 -35.10
CA SER C 253 -12.84 -11.92 -35.10
C SER C 253 -12.36 -12.56 -33.82
N LEU C 254 -12.72 -13.82 -33.66
CA LEU C 254 -12.50 -14.44 -32.34
C LEU C 254 -11.11 -15.03 -32.22
N GLY C 255 -10.41 -15.12 -33.37
CA GLY C 255 -9.04 -15.61 -33.43
C GLY C 255 -8.91 -17.13 -33.29
N THR C 256 -7.67 -17.61 -33.14
CA THR C 256 -7.47 -19.04 -32.91
C THR C 256 -8.06 -19.42 -31.57
N GLY C 257 -8.21 -20.72 -31.31
CA GLY C 257 -8.87 -21.17 -30.06
C GLY C 257 -10.35 -21.41 -30.26
N ASP C 258 -10.93 -21.86 -29.10
CA ASP C 258 -12.31 -22.30 -29.23
C ASP C 258 -13.19 -21.22 -28.64
N ASP C 259 -13.87 -20.38 -29.44
CA ASP C 259 -14.39 -19.10 -29.00
C ASP C 259 -15.91 -19.06 -29.05
N VAL C 260 -16.50 -18.13 -28.31
CA VAL C 260 -17.93 -17.95 -28.26
C VAL C 260 -18.24 -16.50 -28.53
N LEU C 261 -19.25 -16.25 -29.38
CA LEU C 261 -19.78 -14.93 -29.62
C LEU C 261 -21.27 -14.91 -29.33
N ILE C 262 -21.69 -14.05 -28.42
CA ILE C 262 -23.11 -13.93 -28.10
C ILE C 262 -23.50 -12.54 -28.55
N VAL C 263 -24.46 -12.47 -29.49
CA VAL C 263 -24.91 -11.16 -29.95
C VAL C 263 -26.39 -11.05 -29.65
N GLU C 264 -26.73 -10.02 -28.89
CA GLU C 264 -28.10 -9.92 -28.35
C GLU C 264 -29.03 -9.08 -29.20
N HIS C 265 -28.50 -8.45 -30.23
CA HIS C 265 -29.30 -7.56 -31.06
C HIS C 265 -28.99 -7.76 -32.58
N GLU C 266 -29.25 -6.75 -33.41
CA GLU C 266 -29.05 -6.92 -34.85
C GLU C 266 -27.60 -7.23 -35.12
N LEU C 267 -27.34 -7.95 -36.21
CA LEU C 267 -25.97 -8.29 -36.61
C LEU C 267 -25.79 -7.98 -38.09
N HIS C 268 -25.14 -6.85 -38.38
CA HIS C 268 -24.88 -6.47 -39.77
C HIS C 268 -23.42 -6.59 -40.19
N GLY C 269 -22.53 -6.67 -39.21
CA GLY C 269 -21.09 -6.61 -39.47
C GLY C 269 -20.47 -7.97 -39.78
N THR C 270 -19.15 -7.97 -39.94
CA THR C 270 -18.42 -9.18 -40.26
C THR C 270 -18.08 -9.89 -38.96
N VAL C 271 -18.28 -11.22 -38.92
CA VAL C 271 -18.01 -12.02 -37.71
C VAL C 271 -17.29 -13.32 -38.11
N ALA C 272 -16.19 -13.64 -37.46
CA ALA C 272 -15.48 -14.83 -37.85
C ALA C 272 -15.06 -15.59 -36.62
N GLY C 273 -15.34 -16.89 -36.61
CA GLY C 273 -14.79 -17.76 -35.60
C GLY C 273 -13.28 -17.89 -35.70
N ASN C 274 -12.76 -17.77 -36.91
CA ASN C 274 -11.38 -18.11 -37.21
C ASN C 274 -11.05 -19.58 -36.90
N GLU C 275 -9.77 -19.93 -36.80
CA GLU C 275 -9.41 -21.31 -36.48
C GLU C 275 -10.04 -21.72 -35.16
N GLY C 276 -10.24 -23.03 -34.99
CA GLY C 276 -10.84 -23.60 -33.78
C GLY C 276 -12.33 -23.89 -33.89
N ASP C 277 -12.90 -24.33 -32.79
CA ASP C 277 -14.26 -24.79 -32.74
C ASP C 277 -15.10 -23.69 -32.09
N ASP C 278 -15.76 -22.91 -32.95
CA ASP C 278 -16.39 -21.65 -32.54
C ASP C 278 -17.89 -21.72 -32.56
N SER C 279 -18.50 -21.02 -31.57
CA SER C 279 -19.95 -20.91 -31.42
C SER C 279 -20.42 -19.47 -31.53
N ILE C 280 -21.61 -19.30 -32.09
CA ILE C 280 -22.24 -17.97 -32.13
C ILE C 280 -23.67 -18.18 -31.69
N TYR C 281 -24.15 -17.29 -30.83
CA TYR C 281 -25.53 -17.31 -30.35
C TYR C 281 -26.21 -16.01 -30.85
N LEU C 282 -27.17 -16.17 -31.77
CA LEU C 282 -27.88 -15.03 -32.38
C LEU C 282 -29.17 -14.86 -31.59
N LYS C 283 -29.05 -14.21 -30.44
CA LYS C 283 -30.16 -14.08 -29.52
C LYS C 283 -31.35 -13.25 -30.06
N PHE C 284 -31.08 -12.38 -31.04
CA PHE C 284 -32.11 -11.47 -31.58
C PHE C 284 -32.89 -12.04 -32.76
N TYR C 285 -32.43 -13.15 -33.33
CA TYR C 285 -33.06 -13.75 -34.51
C TYR C 285 -33.64 -15.10 -34.19
N THR C 286 -34.87 -15.35 -34.64
CA THR C 286 -35.42 -16.69 -34.56
C THR C 286 -35.16 -17.46 -35.82
N LYS C 287 -35.34 -18.77 -35.74
CA LYS C 287 -35.11 -19.67 -36.88
C LYS C 287 -35.74 -19.10 -38.15
N GLU C 288 -36.99 -18.68 -38.04
CA GLU C 288 -37.70 -18.21 -39.25
C GLU C 288 -36.97 -17.05 -39.94
N GLN C 289 -36.53 -16.07 -39.15
CA GLN C 289 -35.79 -14.95 -39.72
C GLN C 289 -34.46 -15.41 -40.32
N TYR C 290 -33.76 -16.28 -39.58
CA TYR C 290 -32.50 -16.85 -40.02
C TYR C 290 -32.70 -17.52 -41.38
N ASN C 291 -33.73 -18.38 -41.46
CA ASN C 291 -34.09 -19.11 -42.68
C ASN C 291 -34.48 -18.24 -43.89
N ASN C 292 -35.00 -17.05 -43.62
CA ASN C 292 -35.44 -16.14 -44.70
C ASN C 292 -34.37 -15.13 -45.11
N ASN C 293 -33.26 -15.11 -44.37
CA ASN C 293 -32.25 -14.07 -44.52
C ASN C 293 -30.90 -14.63 -44.99
N SER C 294 -30.69 -14.68 -46.32
CA SER C 294 -29.48 -15.38 -46.83
C SER C 294 -28.20 -14.63 -46.45
N ASP C 295 -28.31 -13.30 -46.37
CA ASP C 295 -27.21 -12.43 -45.95
C ASP C 295 -26.70 -12.80 -44.55
N LEU C 296 -27.63 -12.93 -43.61
CA LEU C 296 -27.25 -13.28 -42.24
C LEU C 296 -26.69 -14.70 -42.21
N ARG C 297 -27.32 -15.66 -42.87
CA ARG C 297 -26.78 -17.01 -42.87
C ARG C 297 -25.34 -17.05 -43.44
N ASN C 298 -25.13 -16.32 -44.54
CA ASN C 298 -23.80 -16.23 -45.14
C ASN C 298 -22.76 -15.61 -44.19
N ARG C 299 -23.19 -14.58 -43.47
CA ARG C 299 -22.34 -13.84 -42.50
C ARG C 299 -21.82 -14.77 -41.37
N VAL C 300 -22.68 -15.71 -40.95
CA VAL C 300 -22.36 -16.55 -39.76
C VAL C 300 -22.00 -17.99 -40.07
N ALA C 301 -22.08 -18.36 -41.35
CA ALA C 301 -21.83 -19.75 -41.79
C ALA C 301 -20.49 -20.31 -41.38
N ASN C 302 -19.49 -19.43 -41.21
CA ASN C 302 -18.14 -19.85 -40.79
C ASN C 302 -18.05 -20.47 -39.39
N PHE C 303 -19.05 -20.16 -38.55
CA PHE C 303 -19.14 -20.74 -37.21
C PHE C 303 -19.54 -22.22 -37.22
N GLU C 304 -18.88 -22.99 -36.36
CA GLU C 304 -19.11 -24.42 -36.31
C GLU C 304 -20.43 -24.72 -35.59
N HIS C 305 -20.78 -23.87 -34.60
CA HIS C 305 -22.00 -24.07 -33.85
C HIS C 305 -22.81 -22.78 -33.88
N ILE C 306 -24.09 -22.91 -34.23
CA ILE C 306 -24.96 -21.73 -34.37
C ILE C 306 -26.26 -21.95 -33.64
N ARG C 307 -26.51 -21.09 -32.64
CA ARG C 307 -27.76 -21.15 -31.87
C ARG C 307 -28.52 -19.87 -32.20
N VAL C 308 -29.84 -19.93 -32.39
CA VAL C 308 -30.62 -18.71 -32.60
C VAL C 308 -31.59 -18.61 -31.44
N SER C 309 -32.57 -17.72 -31.51
CA SER C 309 -33.30 -17.42 -30.27
C SER C 309 -34.17 -18.56 -29.77
N ASP C 310 -34.63 -19.38 -30.72
CA ASP C 310 -35.59 -20.44 -30.42
C ASP C 310 -35.07 -21.84 -30.79
N GLY C 311 -33.76 -21.98 -30.84
CA GLY C 311 -33.16 -23.29 -30.97
C GLY C 311 -31.84 -23.31 -31.72
N VAL C 312 -31.39 -24.52 -32.03
CA VAL C 312 -30.11 -24.74 -32.65
C VAL C 312 -30.30 -24.84 -34.15
N VAL C 313 -29.44 -24.24 -34.95
CA VAL C 313 -29.55 -24.43 -36.39
C VAL C 313 -28.38 -25.22 -36.96
N LYS C 314 -27.23 -25.22 -36.26
CA LYS C 314 -26.04 -25.91 -36.76
C LYS C 314 -25.17 -26.37 -35.60
N GLY C 315 -24.72 -27.64 -35.66
CA GLY C 315 -23.70 -28.09 -34.67
C GLY C 315 -24.33 -28.30 -33.30
N SER C 316 -23.54 -28.09 -32.24
CA SER C 316 -23.95 -28.50 -30.91
C SER C 316 -23.54 -27.36 -29.95
N PRO C 317 -24.11 -26.16 -30.17
CA PRO C 317 -23.72 -25.04 -29.30
C PRO C 317 -24.22 -25.26 -27.87
N ALA C 318 -23.46 -24.82 -26.87
CA ALA C 318 -23.98 -24.87 -25.50
C ALA C 318 -25.24 -24.03 -25.34
N ASP C 319 -25.97 -24.27 -24.26
CA ASP C 319 -27.20 -23.54 -23.96
C ASP C 319 -27.10 -22.02 -23.66
N PHE C 320 -25.94 -21.59 -23.17
CA PHE C 320 -25.71 -20.23 -22.69
C PHE C 320 -26.90 -19.75 -21.84
N ALA C 321 -27.31 -20.59 -20.88
CA ALA C 321 -28.62 -20.45 -20.18
C ALA C 321 -28.80 -19.17 -19.34
N PHE D 9 11.30 -27.02 -9.28
CA PHE D 9 11.47 -25.56 -9.56
C PHE D 9 10.18 -24.87 -10.07
N GLY D 10 9.09 -25.65 -10.28
CA GLY D 10 7.81 -25.05 -10.73
C GLY D 10 7.68 -24.81 -12.24
N PHE D 11 8.68 -25.23 -13.00
CA PHE D 11 8.66 -25.06 -14.45
C PHE D 11 7.96 -26.21 -15.14
N TRP D 12 7.36 -25.94 -16.29
CA TRP D 12 6.90 -27.02 -17.17
C TRP D 12 8.07 -27.94 -17.56
N ASP D 13 7.85 -29.25 -17.37
CA ASP D 13 8.87 -30.29 -17.56
C ASP D 13 9.05 -30.75 -19.02
N GLY D 14 8.38 -30.07 -19.95
CA GLY D 14 8.57 -30.38 -21.37
C GLY D 14 7.67 -31.48 -21.88
N THR D 15 6.82 -32.02 -21.02
CA THR D 15 5.96 -33.13 -21.44
C THR D 15 4.62 -32.64 -21.94
N SER D 16 4.02 -33.43 -22.81
CA SER D 16 2.73 -33.12 -23.38
CA SER D 16 2.71 -33.13 -23.34
C SER D 16 2.01 -34.43 -23.75
N THR D 17 0.69 -34.39 -23.85
CA THR D 17 -0.09 -35.52 -24.32
C THR D 17 -0.11 -35.45 -25.85
N GLN D 18 -0.34 -36.57 -26.53
CA GLN D 18 -0.42 -36.57 -28.00
C GLN D 18 -1.43 -35.57 -28.59
N ALA D 19 -2.55 -35.38 -27.90
CA ALA D 19 -3.59 -34.43 -28.28
C ALA D 19 -3.10 -32.98 -28.25
N GLU D 20 -2.24 -32.66 -27.29
CA GLU D 20 -1.76 -31.30 -27.09
C GLU D 20 -0.80 -30.83 -28.18
N ILE D 21 -0.02 -31.77 -28.71
CA ILE D 21 1.12 -31.44 -29.60
C ILE D 21 0.62 -30.97 -30.96
N THR D 22 1.10 -29.80 -31.40
CA THR D 22 0.74 -29.29 -32.70
C THR D 22 1.81 -29.59 -33.76
N HIS D 23 3.08 -29.70 -33.34
CA HIS D 23 4.20 -29.92 -34.26
C HIS D 23 5.17 -30.88 -33.63
N SER D 24 5.55 -31.91 -34.39
CA SER D 24 6.41 -32.98 -33.89
C SER D 24 7.62 -33.16 -34.76
N PHE D 25 8.82 -33.18 -34.16
CA PHE D 25 10.07 -33.40 -34.91
C PHE D 25 10.94 -34.39 -34.18
N ASP D 26 11.81 -35.07 -34.92
CA ASP D 26 12.96 -35.73 -34.29
C ASP D 26 14.17 -34.78 -34.39
N HIS D 27 14.89 -34.84 -35.50
CA HIS D 27 15.92 -33.84 -35.79
C HIS D 27 15.23 -32.64 -36.44
N TYR D 28 15.11 -31.54 -35.70
CA TYR D 28 14.54 -30.33 -36.26
C TYR D 28 15.51 -29.61 -37.22
N ILE D 29 15.11 -29.54 -38.49
CA ILE D 29 15.92 -28.88 -39.54
C ILE D 29 15.19 -27.73 -40.19
N GLY D 30 14.13 -27.23 -39.52
CA GLY D 30 13.42 -26.03 -40.00
C GLY D 30 11.97 -26.31 -40.32
N SER D 31 11.12 -25.33 -40.05
CA SER D 31 9.68 -25.47 -40.25
C SER D 31 9.06 -24.11 -39.97
N ALA D 32 7.95 -23.80 -40.61
CA ALA D 32 7.24 -22.58 -40.29
C ALA D 32 6.25 -22.89 -39.17
N PHE D 33 6.07 -21.92 -38.29
CA PHE D 33 5.00 -22.03 -37.28
C PHE D 33 3.98 -20.93 -37.58
N ASP D 34 3.18 -20.52 -36.60
CA ASP D 34 2.14 -19.52 -36.89
C ASP D 34 1.76 -18.74 -35.63
N ALA D 35 0.74 -17.89 -35.75
CA ALA D 35 0.38 -16.97 -34.69
C ALA D 35 -0.53 -17.59 -33.60
N SER D 36 -0.89 -18.87 -33.76
CA SER D 36 -1.70 -19.60 -32.77
C SER D 36 -0.77 -20.11 -31.67
N ASN D 37 -1.35 -20.64 -30.60
CA ASN D 37 -0.63 -21.26 -29.50
C ASN D 37 -0.11 -22.61 -29.98
N ASN D 38 1.20 -22.67 -30.27
CA ASN D 38 1.79 -23.89 -30.77
C ASN D 38 2.33 -24.71 -29.63
N ASN D 39 2.44 -26.01 -29.84
CA ASN D 39 3.03 -26.88 -28.86
C ASN D 39 3.95 -27.83 -29.65
N VAL D 40 5.25 -27.58 -29.52
CA VAL D 40 6.28 -28.11 -30.41
C VAL D 40 7.17 -29.08 -29.62
N ALA D 41 7.27 -30.32 -30.10
CA ALA D 41 8.08 -31.35 -29.46
C ALA D 41 9.19 -31.75 -30.41
N VAL D 42 10.43 -31.66 -29.94
CA VAL D 42 11.62 -32.03 -30.72
C VAL D 42 12.38 -33.10 -29.91
N THR D 43 12.40 -34.32 -30.41
CA THR D 43 13.04 -35.40 -29.67
C THR D 43 14.56 -35.40 -29.91
N GLY D 44 15.01 -34.70 -30.94
CA GLY D 44 16.46 -34.62 -31.22
C GLY D 44 17.03 -33.23 -30.98
N ASN D 45 17.92 -32.78 -31.87
CA ASN D 45 18.47 -31.42 -31.82
C ASN D 45 17.73 -30.40 -32.68
N VAL D 46 17.92 -29.15 -32.32
CA VAL D 46 17.44 -28.02 -33.16
C VAL D 46 18.64 -27.51 -33.99
N SER D 47 18.56 -27.66 -35.31
CA SER D 47 19.67 -27.40 -36.24
C SER D 47 19.33 -26.31 -37.24
N ALA D 48 18.22 -25.61 -37.00
CA ALA D 48 17.73 -24.51 -37.84
C ALA D 48 17.00 -23.51 -36.98
N THR D 49 16.79 -22.28 -37.48
CA THR D 49 16.00 -21.32 -36.71
C THR D 49 14.61 -21.88 -36.43
N LEU D 50 14.10 -21.56 -35.24
CA LEU D 50 12.82 -22.02 -34.80
C LEU D 50 12.12 -20.83 -34.16
N ASN D 51 11.13 -20.32 -34.89
CA ASN D 51 10.39 -19.13 -34.46
CA ASN D 51 10.40 -19.11 -34.49
C ASN D 51 8.89 -19.43 -34.33
N VAL D 52 8.41 -19.56 -33.08
CA VAL D 52 7.02 -19.91 -32.82
C VAL D 52 6.05 -18.71 -32.88
N LEU D 53 6.60 -17.51 -33.01
CA LEU D 53 5.82 -16.30 -33.38
C LEU D 53 4.81 -15.91 -32.34
N ALA D 54 3.70 -15.28 -32.76
CA ALA D 54 2.70 -14.86 -31.76
C ALA D 54 2.02 -16.10 -31.16
N GLY D 55 1.29 -15.91 -30.05
CA GLY D 55 0.64 -17.01 -29.34
C GLY D 55 1.42 -17.43 -28.11
N ASP D 56 0.74 -18.08 -27.17
CA ASP D 56 1.42 -18.67 -26.02
C ASP D 56 1.88 -20.04 -26.44
N ASP D 57 3.17 -20.15 -26.76
CA ASP D 57 3.74 -21.36 -27.34
C ASP D 57 4.54 -22.14 -26.29
N LYS D 58 4.54 -23.44 -26.48
CA LYS D 58 5.32 -24.39 -25.71
C LYS D 58 6.26 -25.05 -26.68
N VAL D 59 7.54 -25.07 -26.33
CA VAL D 59 8.57 -25.72 -27.13
C VAL D 59 9.38 -26.63 -26.18
N SER D 60 9.37 -27.92 -26.49
CA SER D 60 10.15 -28.94 -25.76
C SER D 60 11.25 -29.54 -26.65
N ILE D 61 12.50 -29.46 -26.19
CA ILE D 61 13.62 -30.01 -26.96
C ILE D 61 14.48 -31.00 -26.10
N ASP D 62 14.53 -32.26 -26.51
CA ASP D 62 15.22 -33.32 -25.74
C ASP D 62 16.72 -33.24 -25.95
N GLY D 63 17.14 -32.68 -27.09
CA GLY D 63 18.56 -32.48 -27.34
C GLY D 63 19.06 -31.06 -27.09
N ASN D 64 19.90 -30.58 -28.01
CA ASN D 64 20.55 -29.24 -27.92
C ASN D 64 19.93 -28.23 -28.87
N VAL D 65 20.00 -26.96 -28.48
CA VAL D 65 19.77 -25.85 -29.41
C VAL D 65 21.18 -25.55 -29.97
N GLU D 66 21.37 -25.86 -31.24
CA GLU D 66 22.72 -25.82 -31.82
C GLU D 66 23.07 -24.39 -32.19
N ASP D 67 24.37 -24.19 -32.44
CA ASP D 67 24.95 -22.92 -32.91
C ASP D 67 24.66 -22.77 -34.42
N VAL D 68 23.38 -22.64 -34.76
CA VAL D 68 23.05 -22.47 -36.15
C VAL D 68 23.45 -21.07 -36.61
N LEU D 69 23.99 -21.04 -37.82
CA LEU D 69 24.59 -19.82 -38.36
C LEU D 69 23.50 -18.78 -38.68
N VAL D 70 23.51 -17.70 -37.91
CA VAL D 70 22.66 -16.52 -38.14
C VAL D 70 23.47 -15.22 -37.97
N ALA D 71 22.89 -14.12 -38.39
CA ALA D 71 23.55 -12.81 -38.30
C ALA D 71 23.70 -12.42 -36.85
N ALA D 72 24.52 -11.37 -36.64
CA ALA D 72 24.81 -10.86 -35.31
C ALA D 72 23.54 -10.62 -34.56
N ASN D 73 23.48 -11.17 -33.34
CA ASN D 73 22.37 -10.92 -32.36
C ASN D 73 21.00 -11.45 -32.79
N VAL D 74 20.96 -12.24 -33.85
CA VAL D 74 19.73 -12.90 -34.28
C VAL D 74 19.46 -14.13 -33.42
N ALA D 75 18.19 -14.33 -33.01
CA ALA D 75 17.88 -15.52 -32.25
C ALA D 75 17.88 -16.76 -33.14
N VAL D 76 18.43 -17.86 -32.61
CA VAL D 76 18.21 -19.18 -33.21
C VAL D 76 16.83 -19.71 -32.86
N LEU D 77 16.46 -19.55 -31.58
CA LEU D 77 15.17 -19.94 -31.12
C LEU D 77 14.48 -18.67 -30.60
N ASP D 78 13.40 -18.30 -31.26
CA ASP D 78 12.64 -17.13 -30.92
C ASP D 78 11.22 -17.55 -30.51
N MET D 79 10.85 -17.34 -29.24
CA MET D 79 9.52 -17.71 -28.77
C MET D 79 8.50 -16.68 -29.15
N GLY D 80 8.97 -15.48 -29.57
CA GLY D 80 8.05 -14.37 -30.05
C GLY D 80 7.17 -13.76 -28.97
N THR D 81 6.14 -12.99 -29.37
CA THR D 81 5.23 -12.40 -28.41
C THR D 81 4.41 -13.54 -27.80
N GLY D 82 3.84 -13.28 -26.63
CA GLY D 82 2.95 -14.24 -25.95
C GLY D 82 3.68 -14.79 -24.74
N ASN D 83 2.94 -15.47 -23.84
CA ASN D 83 3.56 -16.06 -22.67
C ASN D 83 4.02 -17.44 -23.10
N ASP D 84 5.32 -17.56 -23.40
CA ASP D 84 5.86 -18.79 -23.97
C ASP D 84 6.57 -19.64 -22.93
N GLN D 85 6.57 -20.96 -23.13
CA GLN D 85 7.32 -21.86 -22.25
C GLN D 85 8.27 -22.72 -23.04
N LEU D 86 9.52 -22.75 -22.60
CA LEU D 86 10.57 -23.47 -23.31
C LEU D 86 11.21 -24.44 -22.36
N TYR D 87 11.32 -25.71 -22.78
CA TYR D 87 12.09 -26.72 -22.04
C TYR D 87 13.19 -27.28 -22.94
N VAL D 88 14.43 -27.22 -22.46
CA VAL D 88 15.53 -27.83 -23.18
C VAL D 88 16.28 -28.81 -22.25
N ALA D 89 16.32 -30.08 -22.61
CA ALA D 89 16.98 -31.10 -21.76
C ALA D 89 18.52 -31.08 -21.93
N GLY D 90 18.96 -30.59 -23.09
CA GLY D 90 20.38 -30.55 -23.40
C GLY D 90 21.04 -29.21 -23.17
N ASP D 91 21.98 -28.83 -24.07
CA ASP D 91 22.71 -27.58 -23.94
C ASP D 91 22.18 -26.54 -24.94
N VAL D 92 22.47 -25.26 -24.69
CA VAL D 92 22.03 -24.20 -25.61
C VAL D 92 23.24 -23.51 -26.16
N LEU D 93 23.46 -23.64 -27.47
CA LEU D 93 24.65 -23.09 -28.12
C LEU D 93 24.27 -22.08 -29.20
N GLY D 94 22.97 -21.83 -29.34
CA GLY D 94 22.49 -20.74 -30.21
C GLY D 94 21.54 -19.82 -29.43
N LYS D 95 21.46 -18.56 -29.84
CA LYS D 95 20.70 -17.54 -29.08
C LYS D 95 19.22 -17.84 -28.92
N ILE D 96 18.74 -17.69 -27.70
CA ILE D 96 17.30 -17.73 -27.42
C ILE D 96 16.76 -16.31 -27.19
N ASP D 97 15.60 -16.01 -27.76
CA ASP D 97 14.89 -14.77 -27.45
C ASP D 97 13.48 -15.21 -27.08
N ALA D 98 13.12 -15.05 -25.81
CA ALA D 98 11.78 -15.38 -25.34
C ALA D 98 10.72 -14.33 -25.76
N GLY D 99 11.18 -13.14 -26.15
CA GLY D 99 10.30 -12.05 -26.60
C GLY D 99 9.50 -11.35 -25.55
N THR D 100 8.52 -10.57 -26.01
CA THR D 100 7.59 -9.95 -25.07
C THR D 100 6.73 -11.03 -24.45
N GLY D 101 6.05 -10.73 -23.34
CA GLY D 101 5.23 -11.72 -22.68
C GLY D 101 5.93 -12.21 -21.43
N ASN D 102 5.17 -12.82 -20.53
CA ASN D 102 5.75 -13.50 -19.36
C ASN D 102 6.18 -14.89 -19.79
N ASP D 103 7.49 -15.06 -19.95
CA ASP D 103 8.03 -16.27 -20.54
C ASP D 103 8.72 -17.10 -19.52
N GLU D 104 8.79 -18.41 -19.77
CA GLU D 104 9.45 -19.33 -18.85
C GLU D 104 10.48 -20.14 -19.66
N ILE D 105 11.70 -20.21 -19.16
CA ILE D 105 12.78 -20.87 -19.86
C ILE D 105 13.41 -21.81 -18.86
N TYR D 106 13.38 -23.10 -19.18
CA TYR D 106 14.07 -24.11 -18.37
C TYR D 106 15.06 -24.84 -19.25
N ILE D 107 16.35 -24.73 -18.93
CA ILE D 107 17.41 -25.41 -19.65
C ILE D 107 18.21 -26.27 -18.68
N LYS D 108 18.24 -27.59 -18.88
CA LYS D 108 18.98 -28.47 -17.97
C LYS D 108 20.50 -28.32 -18.05
N GLY D 109 21.00 -28.05 -19.25
CA GLY D 109 22.43 -28.06 -19.46
C GLY D 109 23.08 -26.69 -19.42
N ASP D 110 24.15 -26.57 -20.20
CA ASP D 110 25.03 -25.43 -20.20
C ASP D 110 24.55 -24.47 -21.28
N VAL D 111 24.82 -23.19 -21.07
CA VAL D 111 24.36 -22.15 -22.02
C VAL D 111 25.54 -21.34 -22.45
N SER D 112 25.87 -21.43 -23.73
CA SER D 112 27.02 -20.75 -24.23
C SER D 112 26.65 -19.71 -25.28
N ALA D 113 25.37 -19.41 -25.40
CA ALA D 113 24.94 -18.37 -26.36
C ALA D 113 24.08 -17.37 -25.62
N ALA D 114 23.81 -16.23 -26.25
CA ALA D 114 23.01 -15.20 -25.60
C ALA D 114 21.60 -15.66 -25.28
N VAL D 115 21.05 -15.16 -24.17
CA VAL D 115 19.64 -15.43 -23.86
C VAL D 115 19.00 -14.09 -23.55
N ASP D 116 17.97 -13.71 -24.32
CA ASP D 116 17.21 -12.49 -24.00
CA ASP D 116 17.22 -12.49 -24.04
C ASP D 116 15.81 -12.94 -23.57
N ALA D 117 15.42 -12.59 -22.34
CA ALA D 117 14.08 -12.96 -21.87
C ALA D 117 13.00 -11.93 -22.24
N GLY D 118 13.44 -10.73 -22.58
CA GLY D 118 12.60 -9.67 -23.16
C GLY D 118 11.75 -8.94 -22.13
N THR D 119 10.81 -8.16 -22.61
CA THR D 119 9.87 -7.50 -21.71
C THR D 119 9.02 -8.61 -21.14
N GLY D 120 8.27 -8.27 -20.08
CA GLY D 120 7.46 -9.25 -19.35
C GLY D 120 8.17 -9.76 -18.13
N ASN D 121 7.39 -10.29 -17.17
CA ASN D 121 7.95 -11.02 -16.02
C ASN D 121 8.36 -12.39 -16.45
N ASP D 122 9.67 -12.62 -16.58
CA ASP D 122 10.19 -13.88 -17.07
C ASP D 122 10.80 -14.71 -15.98
N GLU D 123 10.74 -16.03 -16.17
CA GLU D 123 11.34 -17.00 -15.25
C GLU D 123 12.37 -17.78 -16.04
N VAL D 124 13.59 -17.85 -15.53
CA VAL D 124 14.68 -18.52 -16.25
C VAL D 124 15.42 -19.42 -15.29
N TYR D 125 15.52 -20.70 -15.63
CA TYR D 125 16.38 -21.64 -14.95
C TYR D 125 17.37 -22.25 -15.93
N ILE D 126 18.65 -22.21 -15.59
CA ILE D 126 19.69 -22.84 -16.38
C ILE D 126 20.48 -23.74 -15.41
N GLY D 127 20.48 -25.04 -15.67
CA GLY D 127 21.05 -25.98 -14.67
C GLY D 127 22.57 -25.98 -14.66
N GLY D 128 23.18 -25.72 -15.82
CA GLY D 128 24.62 -25.75 -15.93
C GLY D 128 25.30 -24.38 -15.80
N ASN D 129 26.38 -24.19 -16.55
CA ASN D 129 27.08 -22.91 -16.57
C ASN D 129 26.51 -21.93 -17.56
N LEU D 130 26.65 -20.65 -17.23
CA LEU D 130 26.27 -19.59 -18.18
C LEU D 130 27.49 -18.93 -18.75
N SER D 131 27.75 -19.16 -20.04
CA SER D 131 28.88 -18.50 -20.64
C SER D 131 28.47 -17.68 -21.85
N GLY D 132 27.17 -17.49 -22.04
CA GLY D 132 26.73 -16.48 -23.00
C GLY D 132 26.09 -15.32 -22.23
N ASP D 133 25.88 -14.17 -22.87
CA ASP D 133 25.33 -13.02 -22.16
C ASP D 133 23.80 -13.15 -22.01
N LEU D 134 23.29 -13.04 -20.77
CA LEU D 134 21.86 -13.17 -20.51
C LEU D 134 21.31 -11.78 -20.22
N ASP D 135 20.20 -11.41 -20.86
CA ASP D 135 19.53 -10.17 -20.54
C ASP D 135 18.08 -10.54 -20.15
N ALA D 136 17.67 -10.34 -18.89
CA ALA D 136 16.33 -10.72 -18.47
C ALA D 136 15.32 -9.65 -18.87
N GLY D 137 15.82 -8.50 -19.33
CA GLY D 137 14.97 -7.44 -19.89
C GLY D 137 14.16 -6.69 -18.85
N THR D 138 13.21 -5.91 -19.34
CA THR D 138 12.37 -5.16 -18.42
C THR D 138 11.46 -6.10 -17.60
N ASP D 139 10.88 -5.49 -16.59
CA ASP D 139 9.85 -6.12 -15.73
C ASP D 139 10.47 -7.07 -14.75
N ASN D 140 9.66 -7.75 -13.93
CA ASN D 140 10.25 -8.46 -12.83
C ASN D 140 10.61 -9.88 -13.18
N ASP D 141 11.90 -10.18 -13.20
CA ASP D 141 12.40 -11.43 -13.67
C ASP D 141 13.01 -12.21 -12.54
N ASN D 142 12.81 -13.53 -12.53
CA ASN D 142 13.53 -14.45 -11.65
C ASN D 142 14.46 -15.37 -12.44
N ILE D 143 15.73 -15.42 -12.02
CA ILE D 143 16.78 -16.14 -12.77
C ILE D 143 17.56 -17.04 -11.83
N GLN D 144 17.68 -18.31 -12.23
CA GLN D 144 18.49 -19.22 -11.44
C GLN D 144 19.50 -19.91 -12.36
N ILE D 145 20.77 -19.89 -11.95
CA ILE D 145 21.87 -20.50 -12.72
C ILE D 145 22.46 -21.52 -11.78
N GLY D 146 22.44 -22.80 -12.14
CA GLY D 146 22.94 -23.85 -11.25
C GLY D 146 24.46 -23.83 -11.11
N GLY D 147 25.17 -23.53 -12.19
CA GLY D 147 26.61 -23.55 -12.16
C GLY D 147 27.19 -22.16 -11.98
N ASP D 148 28.16 -21.81 -12.82
CA ASP D 148 28.84 -20.50 -12.74
C ASP D 148 28.27 -19.49 -13.71
N VAL D 149 28.43 -18.21 -13.40
CA VAL D 149 28.13 -17.15 -14.37
C VAL D 149 29.45 -16.62 -14.89
N ASN D 150 29.73 -16.86 -16.16
CA ASN D 150 31.04 -16.56 -16.74
C ASN D 150 31.01 -15.41 -17.72
N ALA D 151 29.81 -14.95 -18.04
CA ALA D 151 29.64 -13.88 -19.00
C ALA D 151 28.76 -12.82 -18.34
N ALA D 152 28.23 -11.90 -19.14
CA ALA D 152 27.29 -10.90 -18.58
C ALA D 152 25.94 -11.49 -18.19
N LEU D 153 25.42 -10.98 -17.09
CA LEU D 153 24.07 -11.29 -16.71
C LEU D 153 23.41 -9.99 -16.28
N ASN D 154 22.52 -9.51 -17.13
CA ASN D 154 21.84 -8.22 -16.91
C ASN D 154 20.40 -8.44 -16.57
N ALA D 155 19.95 -8.07 -15.36
CA ALA D 155 18.56 -8.39 -15.01
C ALA D 155 17.59 -7.31 -15.47
N GLY D 156 18.12 -6.11 -15.73
CA GLY D 156 17.34 -5.01 -16.34
C GLY D 156 16.49 -4.23 -15.36
N THR D 157 15.56 -3.44 -15.90
CA THR D 157 14.66 -2.69 -15.03
C THR D 157 13.74 -3.73 -14.38
N GLY D 158 12.99 -3.31 -13.35
CA GLY D 158 12.05 -4.18 -12.58
C GLY D 158 12.73 -4.78 -11.37
N ASN D 159 11.94 -5.29 -10.42
CA ASN D 159 12.48 -5.98 -9.26
C ASN D 159 12.86 -7.38 -9.63
N ASP D 160 14.16 -7.65 -9.73
CA ASP D 160 14.62 -8.96 -10.20
C ASP D 160 15.28 -9.78 -9.13
N ASN D 161 15.16 -11.09 -9.23
CA ASN D 161 15.79 -12.00 -8.28
C ASN D 161 16.75 -12.92 -8.99
N LEU D 162 17.98 -13.03 -8.49
CA LEU D 162 18.98 -13.94 -9.07
C LEU D 162 19.54 -14.95 -8.04
N ILE D 163 19.51 -16.23 -8.39
CA ILE D 163 20.19 -17.24 -7.60
C ILE D 163 21.28 -17.88 -8.47
N ILE D 164 22.53 -17.89 -7.98
CA ILE D 164 23.66 -18.53 -8.66
C ILE D 164 24.20 -19.62 -7.77
N GLY D 165 24.27 -20.83 -8.32
CA GLY D 165 24.67 -21.99 -7.53
C GLY D 165 26.11 -21.98 -7.09
N HIS D 166 27.00 -21.58 -8.02
CA HIS D 166 28.43 -21.64 -7.74
C HIS D 166 29.04 -20.22 -7.90
N ASP D 167 29.95 -20.04 -8.87
CA ASP D 167 30.79 -18.84 -8.85
C ASP D 167 30.37 -17.76 -9.82
N VAL D 168 30.92 -16.55 -9.63
CA VAL D 168 30.77 -15.45 -10.61
C VAL D 168 32.16 -15.11 -11.14
N SER D 169 32.39 -15.34 -12.44
CA SER D 169 33.56 -14.85 -13.15
C SER D 169 33.21 -13.72 -14.14
N GLY D 170 31.94 -13.64 -14.52
CA GLY D 170 31.46 -12.56 -15.38
C GLY D 170 30.96 -11.38 -14.61
N ILE D 171 30.17 -10.54 -15.29
CA ILE D 171 29.67 -9.29 -14.75
C ILE D 171 28.16 -9.39 -14.66
N VAL D 172 27.68 -9.53 -13.43
CA VAL D 172 26.24 -9.44 -13.09
C VAL D 172 25.84 -7.99 -12.89
N ASN D 173 24.74 -7.58 -13.53
CA ASN D 173 24.26 -6.23 -13.33
C ASN D 173 22.76 -6.29 -13.14
N MET D 174 22.31 -6.02 -11.91
CA MET D 174 20.89 -6.23 -11.62
C MET D 174 19.99 -5.10 -12.09
N GLY D 175 20.62 -4.01 -12.52
CA GLY D 175 19.92 -2.85 -13.12
C GLY D 175 19.02 -2.13 -12.12
N THR D 176 18.11 -1.34 -12.67
CA THR D 176 17.28 -0.49 -11.83
C THR D 176 16.29 -1.30 -11.01
N ASP D 177 15.63 -0.58 -10.10
CA ASP D 177 14.60 -1.16 -9.19
C ASP D 177 15.25 -2.10 -8.20
N ASN D 178 14.43 -2.80 -7.40
CA ASN D 178 14.95 -3.46 -6.21
C ASN D 178 15.19 -4.94 -6.42
N ASP D 179 16.45 -5.32 -6.39
CA ASP D 179 16.86 -6.63 -6.80
C ASP D 179 17.43 -7.42 -5.66
N THR D 180 17.37 -8.74 -5.78
CA THR D 180 18.13 -9.56 -4.84
C THR D 180 19.00 -10.54 -5.57
N VAL D 181 20.13 -10.85 -4.94
CA VAL D 181 21.09 -11.80 -5.52
C VAL D 181 21.63 -12.70 -4.44
N GLU D 182 21.66 -14.00 -4.73
CA GLU D 182 22.38 -14.93 -3.89
C GLU D 182 23.46 -15.66 -4.74
N VAL D 183 24.71 -15.60 -4.27
CA VAL D 183 25.83 -16.32 -4.89
C VAL D 183 26.21 -17.49 -3.95
N GLY D 184 26.05 -18.71 -4.44
CA GLY D 184 26.24 -19.92 -3.65
C GLY D 184 27.69 -20.09 -3.26
N ARG D 185 28.60 -19.73 -4.18
CA ARG D 185 30.03 -19.83 -3.87
C ARG D 185 30.76 -18.48 -4.02
N THR D 186 31.67 -18.36 -5.00
CA THR D 186 32.65 -17.30 -4.90
C THR D 186 32.62 -16.33 -6.06
N ILE D 187 32.79 -15.05 -5.75
CA ILE D 187 33.01 -14.06 -6.83
C ILE D 187 34.51 -14.03 -7.13
N ASN D 188 34.88 -14.54 -8.29
CA ASN D 188 36.31 -14.67 -8.62
C ASN D 188 36.90 -13.32 -8.95
N ALA D 189 38.20 -13.27 -9.16
CA ALA D 189 38.90 -12.00 -9.39
C ALA D 189 38.31 -11.21 -10.55
N SER D 190 37.90 -11.91 -11.61
CA SER D 190 37.34 -11.23 -12.79
C SER D 190 35.86 -10.86 -12.65
N GLY D 191 35.20 -11.40 -11.61
CA GLY D 191 33.75 -11.24 -11.50
C GLY D 191 33.32 -9.99 -10.76
N LYS D 192 32.09 -9.54 -11.08
CA LYS D 192 31.50 -8.37 -10.44
C LYS D 192 30.03 -8.62 -10.23
N VAL D 193 29.51 -8.16 -9.09
CA VAL D 193 28.04 -8.10 -8.95
C VAL D 193 27.72 -6.65 -8.71
N LEU D 194 27.00 -6.06 -9.65
CA LEU D 194 26.61 -4.65 -9.64
C LEU D 194 25.12 -4.62 -9.44
N LEU D 195 24.69 -4.04 -8.33
CA LEU D 195 23.28 -4.04 -7.93
C LEU D 195 22.53 -2.86 -8.53
N ASP D 196 23.31 -1.83 -8.89
CA ASP D 196 22.82 -0.63 -9.64
C ASP D 196 21.77 0.14 -8.82
N THR D 197 20.88 0.88 -9.47
CA THR D 197 19.97 1.73 -8.67
C THR D 197 18.92 0.88 -7.95
N GLY D 198 18.28 1.47 -6.95
CA GLY D 198 17.27 0.77 -6.17
C GLY D 198 17.86 0.27 -4.88
N ASP D 199 16.92 -0.22 -4.09
CA ASP D 199 17.33 -0.73 -2.78
C ASP D 199 17.61 -2.23 -2.90
N ASP D 200 18.86 -2.78 -2.96
CA ASP D 200 19.18 -4.13 -3.42
C ASP D 200 19.83 -4.91 -2.32
N SER D 201 19.86 -6.23 -2.45
CA SER D 201 20.55 -7.06 -1.48
C SER D 201 21.36 -8.12 -2.16
N LEU D 202 22.48 -8.48 -1.54
CA LEU D 202 23.38 -9.49 -2.09
C LEU D 202 23.89 -10.38 -0.95
N LEU D 203 23.84 -11.69 -1.14
CA LEU D 203 24.50 -12.63 -0.24
C LEU D 203 25.52 -13.40 -1.07
N VAL D 204 26.76 -13.40 -0.61
CA VAL D 204 27.82 -14.23 -1.19
C VAL D 204 28.21 -15.23 -0.12
N SER D 205 27.97 -16.51 -0.39
CA SER D 205 28.20 -17.53 0.62
C SER D 205 29.65 -17.99 0.67
N GLY D 206 30.36 -17.85 -0.47
CA GLY D 206 31.79 -18.08 -0.54
C GLY D 206 32.60 -16.81 -0.40
N ASP D 207 33.70 -16.72 -1.15
CA ASP D 207 34.63 -15.61 -1.00
C ASP D 207 34.41 -14.49 -2.01
N LEU D 208 35.02 -13.34 -1.72
CA LEU D 208 35.02 -12.19 -2.63
C LEU D 208 36.45 -11.85 -3.06
N PHE D 209 36.80 -12.28 -4.26
CA PHE D 209 38.10 -11.90 -4.88
C PHE D 209 37.90 -10.74 -5.85
N GLY D 210 36.71 -10.68 -6.44
CA GLY D 210 36.38 -9.61 -7.38
C GLY D 210 35.76 -8.40 -6.75
N GLU D 211 34.64 -7.95 -7.32
CA GLU D 211 34.07 -6.67 -6.94
C GLU D 211 32.60 -6.73 -6.76
N VAL D 212 32.13 -5.95 -5.79
CA VAL D 212 30.68 -5.78 -5.54
C VAL D 212 30.38 -4.30 -5.45
N ASP D 213 29.24 -3.87 -5.99
CA ASP D 213 28.89 -2.46 -6.00
C ASP D 213 27.40 -2.38 -5.70
N GLY D 214 27.04 -1.80 -4.57
CA GLY D 214 25.62 -1.71 -4.24
C GLY D 214 24.87 -0.75 -5.16
N GLY D 215 25.64 0.18 -5.75
CA GLY D 215 25.09 1.30 -6.51
C GLY D 215 24.37 2.32 -5.68
N THR D 216 23.59 3.20 -6.32
CA THR D 216 22.74 4.11 -5.53
C THR D 216 21.64 3.33 -4.77
N GLY D 217 21.01 4.00 -3.83
CA GLY D 217 19.93 3.36 -3.06
C GLY D 217 20.52 2.73 -1.82
N ASN D 218 19.62 2.22 -0.98
CA ASN D 218 20.00 1.62 0.29
C ASN D 218 20.19 0.09 0.17
N ASP D 219 21.43 -0.36 0.14
CA ASP D 219 21.77 -1.76 -0.19
C ASP D 219 22.25 -2.54 1.01
N THR D 220 22.07 -3.86 0.95
CA THR D 220 22.51 -4.76 1.98
C THR D 220 23.39 -5.79 1.33
N ILE D 221 24.62 -5.87 1.78
CA ILE D 221 25.62 -6.74 1.16
C ILE D 221 26.23 -7.61 2.25
N ILE D 222 26.12 -8.92 2.07
CA ILE D 222 26.71 -9.84 3.02
C ILE D 222 27.66 -10.79 2.30
N ILE D 223 28.92 -10.84 2.76
CA ILE D 223 29.91 -11.82 2.29
C ILE D 223 30.20 -12.76 3.47
N ALA D 224 29.85 -14.04 3.32
CA ALA D 224 30.12 -14.99 4.41
C ALA D 224 31.57 -15.39 4.44
N GLY D 225 32.20 -15.43 3.26
CA GLY D 225 33.59 -15.88 3.14
C GLY D 225 34.58 -14.75 3.30
N LYS D 226 35.81 -14.98 2.86
CA LYS D 226 36.89 -14.02 3.02
C LYS D 226 36.84 -12.95 1.94
N VAL D 227 37.33 -11.77 2.26
CA VAL D 227 37.35 -10.68 1.26
C VAL D 227 38.78 -10.28 0.93
N SER D 228 39.15 -10.41 -0.36
CA SER D 228 40.42 -9.90 -0.89
CA SER D 228 40.41 -9.85 -0.85
C SER D 228 40.15 -8.79 -1.93
N GLY D 229 38.92 -8.73 -2.40
CA GLY D 229 38.52 -7.77 -3.44
C GLY D 229 37.95 -6.49 -2.93
N ASN D 230 37.01 -5.94 -3.70
CA ASN D 230 36.49 -4.62 -3.48
C ASN D 230 34.98 -4.63 -3.22
N ILE D 231 34.59 -3.87 -2.20
CA ILE D 231 33.17 -3.63 -1.96
C ILE D 231 32.90 -2.13 -2.02
N GLN D 232 31.91 -1.75 -2.80
CA GLN D 232 31.44 -0.37 -2.83
CA GLN D 232 31.44 -0.37 -2.83
C GLN D 232 29.97 -0.33 -2.43
N GLY D 233 29.67 0.41 -1.36
CA GLY D 233 28.27 0.60 -0.94
C GLY D 233 27.48 1.46 -1.91
N GLY D 234 28.20 2.42 -2.53
CA GLY D 234 27.59 3.49 -3.33
C GLY D 234 26.90 4.56 -2.51
N THR D 235 26.25 5.53 -3.18
CA THR D 235 25.36 6.40 -2.45
C THR D 235 24.23 5.62 -1.74
N GLY D 236 23.55 6.32 -0.83
CA GLY D 236 22.47 5.71 -0.02
C GLY D 236 23.02 5.17 1.29
N ASN D 237 22.12 4.73 2.16
CA ASN D 237 22.52 4.20 3.45
C ASN D 237 22.59 2.72 3.31
N ASP D 238 23.81 2.20 3.35
CA ASP D 238 24.09 0.81 3.07
C ASP D 238 24.55 0.06 4.28
N ILE D 239 24.38 -1.25 4.23
CA ILE D 239 24.83 -2.13 5.30
C ILE D 239 25.68 -3.19 4.64
N VAL D 240 26.95 -3.27 5.05
CA VAL D 240 27.86 -4.29 4.58
C VAL D 240 28.25 -5.18 5.74
N ARG D 241 28.08 -6.48 5.58
CA ARG D 241 28.50 -7.41 6.61
C ARG D 241 29.47 -8.44 6.04
N VAL D 242 30.66 -8.53 6.63
CA VAL D 242 31.60 -9.55 6.17
C VAL D 242 31.84 -10.50 7.34
N GLN D 243 31.72 -11.79 7.09
CA GLN D 243 31.74 -12.75 8.20
C GLN D 243 33.08 -13.43 8.44
N SER D 244 33.91 -13.49 7.42
CA SER D 244 35.27 -14.05 7.54
C SER D 244 36.34 -12.98 7.41
N GLN D 245 37.62 -13.38 7.31
CA GLN D 245 38.73 -12.41 7.31
C GLN D 245 38.64 -11.41 6.14
N VAL D 246 38.95 -10.14 6.42
CA VAL D 246 39.11 -9.14 5.36
C VAL D 246 40.62 -8.99 5.24
N TRP D 247 41.16 -9.36 4.08
CA TRP D 247 42.60 -9.40 3.92
C TRP D 247 43.14 -7.99 3.64
N ALA D 248 44.45 -7.84 3.74
CA ALA D 248 45.08 -6.55 3.58
C ALA D 248 44.81 -5.87 2.23
N GLU D 249 44.72 -6.65 1.16
CA GLU D 249 44.52 -6.11 -0.20
C GLU D 249 43.05 -5.69 -0.46
N ALA D 250 42.17 -5.93 0.50
CA ALA D 250 40.75 -5.63 0.24
C ALA D 250 40.48 -4.17 0.42
N ASN D 251 39.41 -3.70 -0.22
CA ASN D 251 38.99 -2.34 -0.03
C ASN D 251 37.47 -2.30 0.12
N ILE D 252 37.03 -1.81 1.27
CA ILE D 252 35.60 -1.57 1.48
C ILE D 252 35.34 -0.09 1.64
N SER D 253 34.62 0.46 0.67
CA SER D 253 34.21 1.87 0.63
CA SER D 253 34.21 1.84 0.70
C SER D 253 32.69 1.92 0.73
N LEU D 254 32.17 2.63 1.71
CA LEU D 254 30.70 2.65 1.91
C LEU D 254 29.98 3.75 1.15
N GLY D 255 30.74 4.72 0.62
CA GLY D 255 30.15 5.82 -0.15
C GLY D 255 29.47 6.89 0.68
N THR D 256 28.86 7.86 0.00
CA THR D 256 28.04 8.82 0.70
C THR D 256 26.86 8.10 1.40
N GLY D 257 26.23 8.81 2.33
CA GLY D 257 25.13 8.24 3.09
C GLY D 257 25.61 7.75 4.44
N ASP D 258 24.65 7.33 5.17
CA ASP D 258 24.92 6.95 6.56
C ASP D 258 25.04 5.44 6.61
N ASP D 259 26.24 4.88 6.65
CA ASP D 259 26.49 3.45 6.38
C ASP D 259 26.94 2.64 7.59
N VAL D 260 26.75 1.34 7.50
CA VAL D 260 27.14 0.41 8.56
C VAL D 260 28.03 -0.66 7.96
N LEU D 261 29.20 -0.88 8.55
CA LEU D 261 30.00 -2.05 8.23
C LEU D 261 30.11 -2.97 9.45
N ILE D 262 29.66 -4.22 9.33
CA ILE D 262 29.84 -5.21 10.40
C ILE D 262 30.90 -6.19 9.93
N VAL D 263 31.99 -6.29 10.69
CA VAL D 263 33.05 -7.25 10.37
C VAL D 263 33.15 -8.24 11.52
N GLU D 264 32.96 -9.51 11.22
CA GLU D 264 32.84 -10.53 12.25
C GLU D 264 34.17 -11.27 12.53
N HIS D 265 35.20 -11.03 11.72
CA HIS D 265 36.48 -11.73 11.92
C HIS D 265 37.59 -10.70 11.80
N GLU D 266 38.80 -11.14 11.47
CA GLU D 266 39.97 -10.25 11.30
C GLU D 266 39.74 -9.14 10.28
N LEU D 267 40.27 -7.95 10.57
CA LEU D 267 40.18 -6.86 9.62
C LEU D 267 41.60 -6.37 9.28
N HIS D 268 42.04 -6.63 8.05
CA HIS D 268 43.43 -6.29 7.65
C HIS D 268 43.41 -5.27 6.54
N GLY D 269 42.27 -5.17 5.86
CA GLY D 269 42.14 -4.33 4.66
C GLY D 269 41.79 -2.89 4.90
N THR D 270 41.61 -2.16 3.80
CA THR D 270 41.27 -0.73 3.82
C THR D 270 39.76 -0.54 3.89
N VAL D 271 39.31 0.27 4.84
CA VAL D 271 37.86 0.47 5.07
C VAL D 271 37.58 1.96 5.22
N ALA D 272 36.49 2.42 4.61
CA ALA D 272 36.17 3.84 4.65
C ALA D 272 34.68 4.00 4.75
N GLY D 273 34.22 4.81 5.71
CA GLY D 273 32.82 5.16 5.73
C GLY D 273 32.50 6.16 4.63
N ASN D 274 33.54 6.93 4.23
CA ASN D 274 33.35 8.05 3.28
C ASN D 274 32.42 9.12 3.88
N GLU D 275 31.79 9.94 3.05
CA GLU D 275 30.90 10.98 3.53
C GLU D 275 29.71 10.36 4.28
N GLY D 276 29.18 11.11 5.26
CA GLY D 276 28.08 10.67 6.09
C GLY D 276 28.47 10.24 7.49
N ASP D 277 27.46 9.78 8.22
CA ASP D 277 27.62 9.39 9.60
C ASP D 277 27.70 7.86 9.62
N ASP D 278 28.94 7.36 9.70
CA ASP D 278 29.19 5.92 9.43
C ASP D 278 29.60 5.14 10.65
N SER D 279 29.29 3.86 10.64
CA SER D 279 29.49 2.99 11.80
C SER D 279 30.18 1.69 11.44
N ILE D 280 31.04 1.21 12.34
CA ILE D 280 31.74 -0.04 12.16
C ILE D 280 31.60 -0.90 13.44
N TYR D 281 31.25 -2.17 13.26
CA TYR D 281 31.16 -3.11 14.37
C TYR D 281 32.30 -4.11 14.22
N LEU D 282 33.32 -3.97 15.08
CA LEU D 282 34.48 -4.84 15.11
C LEU D 282 34.20 -6.02 16.03
N LYS D 283 33.38 -6.97 15.56
CA LYS D 283 32.80 -7.98 16.43
C LYS D 283 33.87 -8.92 16.96
N PHE D 284 34.98 -9.03 16.21
CA PHE D 284 36.06 -9.96 16.54
C PHE D 284 37.02 -9.47 17.61
N TYR D 285 37.03 -8.16 17.84
CA TYR D 285 38.01 -7.52 18.70
C TYR D 285 37.34 -6.99 19.96
N THR D 286 37.94 -7.25 21.12
CA THR D 286 37.50 -6.63 22.37
C THR D 286 38.26 -5.32 22.56
N LYS D 287 37.84 -4.52 23.55
CA LYS D 287 38.52 -3.26 23.91
C LYS D 287 40.01 -3.48 24.12
N GLU D 288 40.36 -4.52 24.87
CA GLU D 288 41.78 -4.88 25.12
C GLU D 288 42.61 -4.98 23.83
N GLN D 289 42.10 -5.72 22.84
CA GLN D 289 42.76 -5.81 21.51
C GLN D 289 42.75 -4.48 20.78
N TYR D 290 41.58 -3.86 20.63
CA TYR D 290 41.48 -2.53 20.03
C TYR D 290 42.54 -1.59 20.61
N ASN D 291 42.57 -1.50 21.95
CA ASN D 291 43.50 -0.61 22.67
C ASN D 291 45.01 -0.94 22.56
N ASN D 292 45.34 -2.17 22.13
CA ASN D 292 46.74 -2.58 21.95
CA ASN D 292 46.73 -2.58 21.93
C ASN D 292 47.15 -2.69 20.47
N ASN D 293 46.22 -2.38 19.56
CA ASN D 293 46.47 -2.56 18.13
C ASN D 293 46.36 -1.26 17.35
N SER D 294 47.47 -0.53 17.24
CA SER D 294 47.39 0.80 16.63
C SER D 294 47.12 0.72 15.13
N ASP D 295 47.61 -0.32 14.47
CA ASP D 295 47.33 -0.55 13.05
C ASP D 295 45.81 -0.53 12.81
N LEU D 296 45.11 -1.31 13.63
CA LEU D 296 43.65 -1.45 13.51
C LEU D 296 42.95 -0.11 13.80
N ARG D 297 43.36 0.57 14.87
CA ARG D 297 42.79 1.87 15.26
C ARG D 297 42.93 2.87 14.13
N ASN D 298 44.13 2.88 13.55
CA ASN D 298 44.40 3.74 12.40
C ASN D 298 43.53 3.41 11.20
N ARG D 299 43.30 2.12 11.00
CA ARG D 299 42.57 1.59 9.86
C ARG D 299 41.11 2.04 9.92
N VAL D 300 40.57 2.10 11.14
CA VAL D 300 39.13 2.36 11.30
C VAL D 300 38.79 3.76 11.81
N ALA D 301 39.83 4.56 12.09
CA ALA D 301 39.69 5.92 12.66
C ALA D 301 38.72 6.83 11.91
N ASN D 302 38.66 6.66 10.58
CA ASN D 302 37.76 7.48 9.77
C ASN D 302 36.28 7.25 10.06
N PHE D 303 35.93 6.12 10.68
CA PHE D 303 34.50 5.91 11.07
C PHE D 303 34.07 6.79 12.23
N GLU D 304 32.87 7.38 12.12
CA GLU D 304 32.33 8.24 13.18
C GLU D 304 31.96 7.47 14.43
N HIS D 305 31.49 6.24 14.26
CA HIS D 305 31.11 5.39 15.40
C HIS D 305 31.75 4.03 15.32
N ILE D 306 32.39 3.61 16.40
CA ILE D 306 33.08 2.31 16.42
C ILE D 306 32.61 1.43 17.60
N ARG D 307 32.03 0.26 17.28
CA ARG D 307 31.65 -0.72 18.32
C ARG D 307 32.60 -1.92 18.33
N VAL D 308 32.97 -2.39 19.53
CA VAL D 308 33.78 -3.63 19.66
C VAL D 308 32.94 -4.72 20.34
N SER D 309 33.50 -5.91 20.55
CA SER D 309 32.70 -7.06 20.98
C SER D 309 32.07 -6.88 22.37
N ASP D 310 32.74 -6.07 23.21
CA ASP D 310 32.34 -5.85 24.60
C ASP D 310 32.11 -4.39 24.96
N GLY D 311 31.70 -3.57 24.00
CA GLY D 311 31.48 -2.14 24.25
C GLY D 311 31.70 -1.20 23.08
N VAL D 312 31.73 0.10 23.40
CA VAL D 312 31.87 1.18 22.41
C VAL D 312 33.22 1.84 22.65
N VAL D 313 33.97 2.08 21.58
CA VAL D 313 35.24 2.82 21.69
C VAL D 313 35.24 4.19 20.98
N LYS D 314 34.17 4.52 20.24
CA LYS D 314 34.07 5.83 19.59
C LYS D 314 32.64 6.14 19.28
N GLY D 315 32.24 7.37 19.59
CA GLY D 315 30.92 7.90 19.26
C GLY D 315 29.81 7.13 19.98
N SER D 316 28.71 6.94 19.27
CA SER D 316 27.53 6.24 19.76
C SER D 316 26.90 5.32 18.70
N PRO D 317 27.57 4.20 18.38
CA PRO D 317 27.01 3.28 17.41
C PRO D 317 25.73 2.62 17.94
N ALA D 318 24.83 2.24 17.03
CA ALA D 318 23.67 1.43 17.36
C ALA D 318 24.11 0.06 17.87
N ASP D 319 23.17 -0.74 18.37
CA ASP D 319 23.49 -2.04 18.95
C ASP D 319 23.79 -3.19 17.93
N PHE D 320 23.15 -3.16 16.77
CA PHE D 320 23.31 -4.18 15.70
C PHE D 320 22.89 -5.59 16.11
CA CA E . -11.38 -12.77 -7.38
CA CA F . -9.17 -9.49 -4.56
CA CA G . -6.93 -6.38 -1.60
CA CA H . -4.75 -3.28 1.31
CA CA I . -2.63 -0.21 4.37
CA CA J . -0.50 2.72 7.30
CA CA K . 1.62 5.86 10.34
CA CA L . 3.68 8.84 13.36
CA CA M . 5.74 11.91 16.48
CA CA N . 7.98 14.76 19.47
CA CA O . 10.18 17.65 22.46
CA CA P . 12.54 20.48 25.30
CA CA Q . 14.99 23.38 28.28
MG MG R . -6.98 4.83 0.25
MG MG S . 7.01 -14.21 24.27
MG MG T . 8.87 -10.65 28.24
CA CA U . 0.60 27.69 30.51
CA CA V . -1.31 24.02 27.94
CA CA W . -3.21 20.44 25.32
CA CA X . -5.18 16.97 22.73
CA CA Y . -7.31 13.38 20.10
CA CA Z . -9.32 10.04 17.58
CA CA AA . -11.37 6.53 14.95
CA CA BA . -13.48 3.21 12.27
CA CA CA . -15.56 -0.19 9.64
CA CA DA . -17.64 -3.40 6.84
CA CA EA . -19.64 -6.69 4.19
CA CA FA . -21.73 -9.99 1.50
CA CA GA . -23.89 -13.27 -1.47
MG MG HA . -25.74 25.53 5.96
C ACT IA . 0.83 19.67 31.09
O ACT IA . 1.40 20.54 30.43
OXT ACT IA . 0.80 18.51 30.62
CH3 ACT IA . 0.12 20.05 32.37
CA CA JA . 12.10 10.47 2.26
CA CA KA . 9.87 7.49 -0.73
CA CA LA . 7.56 4.57 -3.84
CA CA MA . 5.30 1.80 -6.99
CA CA NA . 3.02 -1.08 -10.12
CA CA OA . 0.86 -3.71 -13.23
CA CA PA . -1.29 -6.45 -16.45
CA CA QA . -3.46 -9.08 -19.63
CA CA RA . -5.57 -11.72 -22.88
CA CA SA . -7.63 -14.31 -26.21
CA CA TA . -9.63 -16.91 -29.55
CA CA UA . -11.64 -19.50 -32.92
CA CA VA . -13.64 -22.04 -36.48
C ACT WA . -4.96 -21.28 -29.71
O ACT WA . -4.21 -20.55 -30.41
OXT ACT WA . -5.84 -20.71 -28.99
CH3 ACT WA . -4.83 -22.77 -29.72
CA CA XA . 2.72 -19.40 -32.25
CA CA YA . 4.96 -16.92 -28.83
CA CA ZA . 7.19 -14.45 -25.39
CA CA AB . 9.47 -12.02 -22.01
CA CA BB . 11.80 -9.58 -18.55
CA CA CB . 14.05 -7.21 -15.24
CA CA DB . 16.44 -4.82 -11.77
CA CA EB . 18.90 -2.52 -8.54
CA CA FB . 21.37 -0.17 -5.24
CA CA GB . 24.00 2.15 -2.02
CA CA HB . 26.53 4.54 1.13
CA CA IB . 29.13 6.99 4.28
CA CA JB . 31.86 9.36 7.40
#